data_3J3I
#
_entry.id   3J3I
#
_cell.length_a   1
_cell.length_b   1
_cell.length_c   1
_cell.angle_alpha   90
_cell.angle_beta   90
_cell.angle_gamma   90
#
_symmetry.space_group_name_H-M   'P 1'
#
_entity_poly.entity_id   1
_entity_poly.type   'polypeptide(L)'
_entity_poly.pdbx_seq_one_letter_code
;MAAPVLYGGAGGTATGPGDMRRSLMHEKKQVFAELRREAQALRVAKEARGKMSVWDPSTREGARGYREKVVRFGRQIASL
LQYFENMHSPALDIIACDKFLLKYQIYGDIDRDPAFGENTMTAEVPVVWDKCEVEVKLYAGPLQKLMSRAKLVGAAREGI
PNRNDVAKSTGWNQDQVQKFPDNRMDSLISLLEQMQTGQSKLTRLVKGFLILLEMAERKEVDFHVGNHIHVTYAIAPVCD
SYDLPGRCYVFNSKPTSEAHAAVLLAMCREYPPPQFASHVSVPADAEDVCIVSQGRQIQPGSAVTLNPGLVYSSILTYAM
DTSCTDLLQEAQIIACSLQENRYFSRIGLPTVVSLYDLMVPAFIAQNSALEGARLSGDLSKAVGRVHQMLGMVAAKDIIS
ATHMQSRTGFDPSHGIRQYLNSNSRLVTQMASKLTGIGLFDATPQMRIFSEMDTADYADMLHLTIFEGLWLVQDASVCTD
NGPISFLVNGEKLLSADRAGYDVLVEELTLANIRIEHHKMPTGAFTTRWVAAKRDSALRLTPRSRTAHRVDMVRECDFNP
TMNLKAAGPKARLRGSGVKSRRRVSEVPLAHVFRSPPRRESTTTTDDSPRWLTREGPQLTRRVPIIDEPPAYESGRSSSP
VTSSISEGTSQHEEEMGLFDAEELPMQQTVIATEARRRLGRGTLERIQEAALEGQVAQGEVTAEKNRRIEAMLSARDPQF
TGREQITKMLSDGGLGVREREEWLELVDKTVGVKGLKEVRSIDGIRRHLEEYGEREGFAVVRTLLSGNSKHVRRINQLIR
ESNPSAFETEASRMRRLRADWDGDAGSAPVNALHFVGNSPGWKRWLENNNIPSDIQVAGKKRMCSYLAEVLSHGNLKLSD
ATKLGRLVEGTSLDLFPPQLSSEEFSTCSEATLAWRNAPSSLGVRPFAQEDSRWLVMAATCGGGSFGIGKLKSLCKEFSV
PKELRDALRVKYGLFGGKDSLE
;
_entity_poly.pdbx_strand_id   A
#
# COMPACT_ATOMS: atom_id res chain seq x y z
N MET A 1 34.68 -21.79 -54.22
CA MET A 1 35.21 -22.82 -53.34
C MET A 1 34.82 -22.56 -51.89
N ALA A 2 33.99 -21.53 -51.68
CA ALA A 2 33.47 -21.20 -50.36
C ALA A 2 31.94 -21.07 -50.34
N ALA A 3 31.32 -21.70 -49.35
CA ALA A 3 29.87 -21.62 -49.16
C ALA A 3 29.54 -21.53 -47.66
N PRO A 4 28.42 -20.92 -47.31
CA PRO A 4 27.50 -20.36 -48.31
C PRO A 4 27.61 -18.84 -48.52
N VAL A 5 27.10 -18.35 -49.64
CA VAL A 5 26.97 -16.91 -49.92
C VAL A 5 28.24 -16.05 -49.90
N LEU A 6 29.32 -16.54 -50.52
CA LEU A 6 30.59 -15.81 -50.54
C LEU A 6 30.60 -14.46 -51.29
N TYR A 7 31.36 -13.52 -50.74
CA TYR A 7 31.64 -12.18 -51.30
C TYR A 7 33.16 -11.86 -51.31
N GLY A 8 33.62 -10.85 -52.08
CA GLY A 8 35.07 -10.60 -52.16
C GLY A 8 35.61 -9.82 -50.99
N GLY A 9 34.80 -8.91 -50.46
CA GLY A 9 35.18 -8.10 -49.30
C GLY A 9 34.25 -6.90 -49.15
N ALA A 10 34.83 -5.75 -48.83
CA ALA A 10 34.07 -4.50 -48.74
C ALA A 10 33.65 -4.04 -50.14
N GLY A 11 34.56 -4.16 -51.11
CA GLY A 11 34.30 -3.76 -52.48
C GLY A 11 33.74 -4.88 -53.35
N GLY A 12 32.94 -4.51 -54.34
CA GLY A 12 32.37 -5.47 -55.28
C GLY A 12 31.26 -6.30 -54.67
N THR A 13 30.18 -5.63 -54.26
CA THR A 13 29.02 -6.31 -53.67
C THR A 13 27.99 -6.67 -54.73
N ALA A 14 27.31 -7.79 -54.52
CA ALA A 14 26.28 -8.28 -55.44
C ALA A 14 24.96 -8.51 -54.69
N THR A 15 24.18 -9.51 -55.12
CA THR A 15 22.90 -9.84 -54.48
C THR A 15 23.08 -10.32 -53.04
N GLY A 16 22.01 -10.23 -52.26
CA GLY A 16 22.04 -10.50 -50.82
C GLY A 16 22.27 -11.95 -50.43
N PRO A 17 23.29 -12.21 -49.58
CA PRO A 17 23.55 -13.56 -49.06
C PRO A 17 22.49 -14.13 -48.10
N GLY A 18 22.44 -15.45 -48.01
CA GLY A 18 21.72 -16.16 -46.96
C GLY A 18 22.64 -16.49 -45.80
N ASP A 19 22.22 -17.42 -44.94
CA ASP A 19 23.00 -17.78 -43.75
C ASP A 19 23.15 -19.29 -43.57
N MET A 20 24.39 -19.74 -43.38
CA MET A 20 24.70 -21.13 -43.05
C MET A 20 25.85 -21.16 -42.03
N ARG A 21 26.28 -22.37 -41.66
CA ARG A 21 27.45 -22.54 -40.79
C ARG A 21 28.73 -22.02 -41.46
N ARG A 22 29.64 -21.50 -40.66
CA ARG A 22 30.84 -20.81 -41.15
C ARG A 22 31.81 -21.69 -41.95
N SER A 23 32.73 -21.02 -42.64
CA SER A 23 33.90 -21.65 -43.24
C SER A 23 35.14 -21.22 -42.45
N LEU A 24 35.28 -19.91 -42.26
CA LEU A 24 36.32 -19.33 -41.41
C LEU A 24 35.69 -18.33 -40.44
N MET A 25 36.49 -17.83 -39.51
CA MET A 25 36.01 -16.90 -38.48
C MET A 25 35.71 -15.50 -39.06
N HIS A 26 34.68 -14.86 -38.50
CA HIS A 26 34.34 -13.47 -38.83
C HIS A 26 34.40 -12.62 -37.57
N GLU A 27 35.39 -11.72 -37.51
CA GLU A 27 35.67 -10.93 -36.31
C GLU A 27 35.54 -9.42 -36.53
N LYS A 28 36.20 -8.92 -37.58
CA LYS A 28 36.46 -7.48 -37.70
C LYS A 28 35.19 -6.61 -37.78
N LYS A 29 35.32 -5.39 -37.27
CA LYS A 29 34.21 -4.46 -37.12
C LYS A 29 33.69 -3.92 -38.46
N GLN A 30 32.38 -3.70 -38.54
CA GLN A 30 31.74 -3.01 -39.66
C GLN A 30 31.48 -1.55 -39.29
N VAL A 31 31.61 -0.66 -40.28
CA VAL A 31 31.57 0.79 -40.05
C VAL A 31 30.15 1.38 -39.93
N PHE A 32 29.13 0.53 -39.80
CA PHE A 32 27.78 1.02 -39.49
C PHE A 32 27.63 1.39 -38.01
N ALA A 33 28.68 1.16 -37.22
CA ALA A 33 28.70 1.54 -35.79
C ALA A 33 28.44 3.03 -35.57
N GLU A 34 28.74 3.86 -36.57
CA GLU A 34 28.39 5.28 -36.52
C GLU A 34 26.86 5.44 -36.62
N LEU A 35 26.23 4.60 -37.44
CA LEU A 35 24.77 4.54 -37.52
C LEU A 35 24.16 3.89 -36.28
N ARG A 36 24.91 3.03 -35.60
CA ARG A 36 24.43 2.42 -34.35
C ARG A 36 24.09 3.46 -33.28
N ARG A 37 24.74 4.63 -33.34
CA ARG A 37 24.39 5.75 -32.47
C ARG A 37 22.93 6.18 -32.67
N GLU A 38 22.46 6.15 -33.91
CA GLU A 38 21.05 6.46 -34.22
C GLU A 38 20.09 5.71 -33.31
N ALA A 39 20.43 4.47 -32.99
CA ALA A 39 19.70 3.71 -31.98
C ALA A 39 19.77 4.45 -30.65
N GLN A 40 20.98 4.59 -30.10
CA GLN A 40 21.20 5.24 -28.80
C GLN A 40 20.63 6.66 -28.75
N ALA A 41 20.88 7.45 -29.80
CA ALA A 41 20.48 8.86 -29.83
C ALA A 41 18.96 9.06 -29.86
N LEU A 42 18.24 8.17 -30.53
CA LEU A 42 16.79 8.29 -30.70
C LEU A 42 16.00 7.90 -29.44
N ARG A 43 16.56 7.00 -28.63
CA ARG A 43 15.82 6.41 -27.49
C ARG A 43 16.26 6.93 -26.12
N VAL A 44 17.54 7.27 -25.96
CA VAL A 44 18.02 7.85 -24.69
C VAL A 44 17.55 9.30 -24.56
N ALA A 45 17.42 10.00 -25.68
CA ALA A 45 16.94 11.37 -25.71
C ALA A 45 15.43 11.42 -25.48
N LYS A 46 14.68 10.76 -26.36
CA LYS A 46 13.22 10.68 -26.23
C LYS A 46 12.87 9.49 -25.33
N GLU A 47 12.55 9.79 -24.08
CA GLU A 47 12.48 8.77 -23.04
C GLU A 47 11.73 9.30 -21.81
N ALA A 48 11.05 8.42 -21.08
CA ALA A 48 10.19 8.81 -19.96
C ALA A 48 11.00 9.32 -18.76
N ARG A 49 11.96 8.51 -18.33
CA ARG A 49 12.83 8.82 -17.19
C ARG A 49 13.58 10.15 -17.31
N GLY A 50 13.92 10.53 -18.54
CA GLY A 50 14.61 11.80 -18.80
C GLY A 50 13.89 13.04 -18.30
N LYS A 51 12.56 12.95 -18.20
CA LYS A 51 11.75 14.05 -17.70
C LYS A 51 11.66 14.03 -16.17
N MET A 52 11.75 12.83 -15.60
CA MET A 52 11.93 12.67 -14.15
C MET A 52 13.36 13.09 -13.78
N SER A 53 14.30 12.88 -14.70
CA SER A 53 15.68 13.33 -14.52
C SER A 53 15.82 14.85 -14.67
N VAL A 54 14.83 15.50 -15.28
CA VAL A 54 14.71 16.96 -15.25
C VAL A 54 14.01 17.32 -13.94
N TRP A 55 14.68 18.13 -13.12
CA TRP A 55 14.24 18.39 -11.73
C TRP A 55 14.21 19.87 -11.38
N ASP A 56 13.75 20.17 -10.16
CA ASP A 56 13.73 21.53 -9.62
C ASP A 56 14.95 21.79 -8.73
N PRO A 57 15.48 23.02 -8.73
CA PRO A 57 16.68 23.38 -7.97
C PRO A 57 16.35 24.00 -6.60
N SER A 58 17.39 24.39 -5.86
CA SER A 58 17.20 24.90 -4.49
C SER A 58 18.43 25.59 -3.86
N THR A 59 18.24 26.11 -2.64
CA THR A 59 19.30 26.69 -1.82
C THR A 59 18.81 26.84 -0.37
N ARG A 60 19.71 27.17 0.56
CA ARG A 60 19.32 27.29 1.99
C ARG A 60 20.18 28.24 2.84
N GLU A 61 21.41 27.84 3.14
CA GLU A 61 22.17 28.43 4.26
C GLU A 61 22.61 29.88 4.04
N GLY A 62 23.62 30.10 3.21
CA GLY A 62 24.29 31.40 3.08
C GLY A 62 23.34 32.59 3.01
N ALA A 63 22.63 32.70 1.88
CA ALA A 63 21.59 33.72 1.72
C ALA A 63 20.33 33.29 2.46
N ARG A 64 19.59 34.26 2.98
CA ARG A 64 18.40 33.98 3.77
C ARG A 64 17.25 33.46 2.90
N GLY A 65 16.74 32.27 3.23
CA GLY A 65 15.63 31.66 2.50
C GLY A 65 14.29 32.22 2.93
N TYR A 66 13.34 32.23 2.01
CA TYR A 66 11.99 32.75 2.27
C TYR A 66 11.16 31.73 3.07
N ARG A 67 10.08 32.22 3.68
CA ARG A 67 9.20 31.39 4.50
C ARG A 67 8.23 30.61 3.62
N GLU A 68 7.76 29.48 4.12
CA GLU A 68 6.77 28.66 3.41
C GLU A 68 5.77 28.05 4.40
N LYS A 69 4.52 28.48 4.32
CA LYS A 69 3.43 27.88 5.09
C LYS A 69 2.58 27.01 4.14
N VAL A 70 2.39 25.75 4.52
CA VAL A 70 1.62 24.82 3.71
C VAL A 70 0.13 24.95 4.04
N VAL A 71 -0.72 24.69 3.06
CA VAL A 71 -2.18 24.75 3.25
C VAL A 71 -2.65 23.72 4.28
N ARG A 72 -3.79 23.98 4.89
CA ARG A 72 -4.31 23.14 5.97
C ARG A 72 -4.72 21.75 5.47
N PHE A 73 -4.03 20.72 5.98
CA PHE A 73 -4.38 19.33 5.71
C PHE A 73 -5.05 18.73 6.95
N GLY A 74 -6.23 18.14 6.76
CA GLY A 74 -6.99 17.56 7.86
C GLY A 74 -6.38 16.29 8.42
N ARG A 75 -5.89 15.43 7.53
CA ARG A 75 -5.31 14.14 7.92
C ARG A 75 -3.85 14.02 7.49
N GLN A 76 -3.03 13.48 8.39
CA GLN A 76 -1.60 13.30 8.15
C GLN A 76 -1.31 11.92 7.54
N ILE A 77 -2.03 10.90 8.01
CA ILE A 77 -1.82 9.53 7.55
C ILE A 77 -2.43 9.30 6.18
N ALA A 78 -3.61 9.88 5.93
CA ALA A 78 -4.29 9.76 4.64
C ALA A 78 -3.39 10.23 3.49
N SER A 79 -2.74 11.38 3.69
CA SER A 79 -1.79 11.92 2.72
C SER A 79 -0.50 11.09 2.68
N LEU A 80 -0.09 10.56 3.83
CA LEU A 80 1.07 9.68 3.92
C LEU A 80 0.85 8.40 3.13
N LEU A 81 -0.37 7.86 3.18
CA LEU A 81 -0.74 6.70 2.38
C LEU A 81 -0.93 7.07 0.91
N GLN A 82 -1.57 8.21 0.66
CA GLN A 82 -1.84 8.67 -0.71
C GLN A 82 -0.56 9.03 -1.46
N TYR A 83 0.47 9.44 -0.74
CA TYR A 83 1.77 9.77 -1.34
C TYR A 83 2.44 8.53 -1.96
N PHE A 84 2.26 7.37 -1.32
CA PHE A 84 2.82 6.11 -1.79
C PHE A 84 1.83 5.27 -2.62
N GLU A 85 0.54 5.45 -2.38
CA GLU A 85 -0.49 4.71 -3.13
C GLU A 85 -0.61 5.18 -4.58
N ASN A 86 -0.59 6.51 -4.78
CA ASN A 86 -0.64 7.08 -6.13
C ASN A 86 0.62 6.77 -6.92
N MET A 87 1.75 6.70 -6.23
CA MET A 87 3.00 6.25 -6.82
C MET A 87 2.99 4.74 -7.11
N HIS A 88 2.13 4.01 -6.38
CA HIS A 88 1.94 2.56 -6.57
C HIS A 88 3.15 1.72 -6.13
N SER A 89 3.89 2.22 -5.15
CA SER A 89 4.97 1.46 -4.53
C SER A 89 4.42 0.74 -3.31
N PRO A 90 4.70 -0.57 -3.17
CA PRO A 90 4.30 -1.31 -1.97
C PRO A 90 5.25 -1.07 -0.80
N ALA A 91 5.70 0.17 -0.63
CA ALA A 91 6.75 0.51 0.34
C ALA A 91 6.18 0.73 1.72
N LEU A 92 7.07 0.94 2.69
CA LEU A 92 6.72 1.20 4.10
C LEU A 92 6.16 -0.04 4.81
N ASP A 93 5.36 -0.85 4.11
CA ASP A 93 4.96 -2.16 4.60
C ASP A 93 6.19 -3.07 4.74
N ILE A 94 7.10 -2.97 3.76
CA ILE A 94 8.39 -3.66 3.81
C ILE A 94 9.25 -3.18 4.99
N ILE A 95 9.31 -1.86 5.17
CA ILE A 95 10.21 -1.24 6.16
C ILE A 95 9.90 -1.68 7.60
N ALA A 96 8.74 -2.29 7.82
CA ALA A 96 8.39 -2.90 9.11
C ALA A 96 9.35 -4.02 9.52
N CYS A 97 9.97 -4.69 8.53
CA CYS A 97 11.01 -5.68 8.81
C CYS A 97 12.31 -4.99 9.26
N ASP A 98 13.15 -5.72 9.98
CA ASP A 98 14.40 -5.17 10.50
C ASP A 98 15.38 -4.82 9.38
N LYS A 99 15.46 -5.66 8.36
CA LYS A 99 16.37 -5.45 7.23
C LYS A 99 15.55 -5.19 5.96
N PHE A 100 15.84 -4.08 5.29
CA PHE A 100 15.17 -3.72 4.04
C PHE A 100 16.18 -3.11 3.05
N LEU A 101 16.18 -3.63 1.83
CA LEU A 101 17.05 -3.13 0.77
C LEU A 101 16.37 -2.00 0.01
N LEU A 102 17.18 -1.13 -0.60
CA LEU A 102 16.66 0.03 -1.33
C LEU A 102 17.35 0.19 -2.69
N LYS A 103 16.65 -0.21 -3.75
CA LYS A 103 17.18 -0.11 -5.11
C LYS A 103 17.09 1.32 -5.65
N TYR A 104 18.24 1.89 -5.99
CA TYR A 104 18.30 3.19 -6.66
C TYR A 104 19.12 3.07 -7.93
N GLN A 105 18.96 4.05 -8.83
CA GLN A 105 19.68 4.04 -10.10
C GLN A 105 20.02 5.46 -10.57
N ILE A 106 21.27 5.63 -11.01
CA ILE A 106 21.79 6.92 -11.45
C ILE A 106 21.63 7.04 -12.96
N TYR A 107 21.72 8.27 -13.49
CA TYR A 107 21.61 8.50 -14.92
C TYR A 107 22.63 9.53 -15.42
N GLY A 108 22.92 9.48 -16.71
CA GLY A 108 23.75 10.48 -17.38
C GLY A 108 22.87 11.42 -18.18
N ASP A 109 23.00 12.72 -17.93
CA ASP A 109 22.08 13.71 -18.50
C ASP A 109 22.84 14.88 -19.14
N ILE A 110 22.16 15.59 -20.04
CA ILE A 110 22.64 16.83 -20.68
C ILE A 110 23.63 16.56 -21.82
N ASP A 111 24.67 15.78 -21.55
CA ASP A 111 25.60 15.35 -22.59
C ASP A 111 24.95 14.24 -23.40
N ARG A 112 24.75 14.46 -24.70
CA ARG A 112 24.14 13.47 -25.58
C ARG A 112 25.01 12.20 -25.57
N ASP A 113 24.51 11.17 -24.89
CA ASP A 113 25.32 10.02 -24.50
C ASP A 113 25.73 9.12 -25.67
N PRO A 114 26.95 8.54 -25.58
CA PRO A 114 27.40 7.51 -26.51
C PRO A 114 27.03 6.11 -26.01
N ALA A 115 27.38 5.09 -26.78
CA ALA A 115 27.10 3.70 -26.42
C ALA A 115 28.27 3.09 -25.63
N PHE A 116 28.35 3.44 -24.35
CA PHE A 116 29.32 2.82 -23.43
C PHE A 116 28.84 1.44 -22.95
N GLY A 117 27.56 1.16 -23.15
CA GLY A 117 26.93 -0.02 -22.56
C GLY A 117 26.43 0.27 -21.16
N GLU A 118 26.41 1.54 -20.79
CA GLU A 118 25.98 1.97 -19.45
C GLU A 118 25.67 3.48 -19.43
N ASN A 119 24.38 3.80 -19.50
CA ASN A 119 23.91 5.16 -19.22
C ASN A 119 23.48 5.25 -17.77
N THR A 120 22.69 4.27 -17.33
CA THR A 120 22.20 4.21 -15.96
C THR A 120 23.04 3.26 -15.10
N MET A 121 23.08 3.55 -13.79
CA MET A 121 23.76 2.68 -12.83
C MET A 121 22.73 2.00 -11.94
N THR A 122 23.20 1.18 -11.00
CA THR A 122 22.33 0.52 -10.03
C THR A 122 23.00 0.46 -8.65
N ALA A 123 22.33 0.97 -7.64
CA ALA A 123 22.85 0.98 -6.27
C ALA A 123 21.81 0.42 -5.29
N GLU A 124 22.20 -0.61 -4.55
CA GLU A 124 21.33 -1.26 -3.57
C GLU A 124 21.84 -1.02 -2.16
N VAL A 125 21.09 -0.24 -1.38
CA VAL A 125 21.49 0.14 -0.02
C VAL A 125 20.80 -0.75 1.03
N PRO A 126 21.58 -1.56 1.78
CA PRO A 126 21.02 -2.34 2.87
C PRO A 126 21.01 -1.55 4.18
N VAL A 127 19.86 -1.52 4.85
CA VAL A 127 19.71 -0.78 6.11
C VAL A 127 19.05 -1.64 7.19
N VAL A 128 19.80 -1.93 8.24
CA VAL A 128 19.29 -2.67 9.40
C VAL A 128 19.08 -1.70 10.57
N TRP A 129 18.04 -1.92 11.35
CA TRP A 129 17.70 -1.03 12.47
C TRP A 129 18.64 -1.24 13.67
N ASP A 130 19.02 -0.13 14.30
CA ASP A 130 19.88 -0.15 15.48
C ASP A 130 19.14 0.45 16.67
N LYS A 131 19.53 0.05 17.87
CA LYS A 131 18.88 0.51 19.10
C LYS A 131 19.88 1.09 20.12
N CYS A 132 19.74 2.38 20.40
CA CYS A 132 20.44 3.04 21.49
C CYS A 132 19.41 3.70 22.41
N GLU A 133 19.77 3.87 23.68
CA GLU A 133 18.84 4.35 24.70
C GLU A 133 18.24 5.72 24.37
N VAL A 134 16.96 5.88 24.69
CA VAL A 134 16.26 7.16 24.53
C VAL A 134 16.32 7.94 25.84
N GLU A 135 16.37 9.26 25.74
CA GLU A 135 16.35 10.13 26.90
C GLU A 135 15.50 11.38 26.64
N VAL A 136 14.24 11.34 27.07
CA VAL A 136 13.31 12.44 26.85
C VAL A 136 13.40 13.45 27.99
N LYS A 137 13.23 14.72 27.67
CA LYS A 137 13.25 15.80 28.66
C LYS A 137 12.01 16.68 28.52
N LEU A 138 11.59 17.26 29.65
CA LEU A 138 10.38 18.09 29.69
C LEU A 138 10.72 19.55 29.98
N TYR A 139 10.23 20.46 29.15
CA TYR A 139 10.34 21.90 29.40
C TYR A 139 9.02 22.62 29.09
N ALA A 140 8.89 23.85 29.57
CA ALA A 140 7.64 24.59 29.49
C ALA A 140 7.34 25.10 28.07
N GLY A 141 6.10 24.88 27.62
CA GLY A 141 5.66 25.32 26.29
C GLY A 141 4.34 26.08 26.36
N PRO A 142 3.73 26.34 25.19
CA PRO A 142 2.45 27.06 25.15
C PRO A 142 1.27 26.20 25.62
N LEU A 143 0.33 26.82 26.32
CA LEU A 143 -0.81 26.12 26.92
C LEU A 143 -2.09 26.31 26.11
N GLN A 144 -3.06 25.43 26.36
CA GLN A 144 -4.35 25.48 25.66
C GLN A 144 -5.26 26.55 26.27
N LYS A 145 -6.43 26.76 25.64
CA LYS A 145 -7.37 27.79 26.07
C LYS A 145 -8.04 27.46 27.40
N LEU A 146 -8.82 26.37 27.41
CA LEU A 146 -9.55 25.93 28.60
C LEU A 146 -10.54 27.01 29.07
N MET A 147 -11.55 27.27 28.25
CA MET A 147 -12.56 28.31 28.54
C MET A 147 -13.65 27.75 29.47
N SER A 148 -13.94 28.50 30.53
CA SER A 148 -14.87 28.05 31.57
C SER A 148 -16.27 28.64 31.39
N ARG A 149 -17.20 28.20 32.24
CA ARG A 149 -18.56 28.72 32.23
C ARG A 149 -18.62 30.18 32.68
N ALA A 150 -19.71 30.86 32.32
CA ALA A 150 -19.86 32.29 32.61
C ALA A 150 -19.96 32.59 34.12
N LYS A 151 -20.43 31.61 34.89
CA LYS A 151 -20.56 31.78 36.34
C LYS A 151 -19.21 31.77 37.05
N LEU A 152 -18.27 30.96 36.56
CA LEU A 152 -16.95 30.81 37.18
C LEU A 152 -16.03 32.00 36.96
N VAL A 153 -15.70 32.25 35.69
CA VAL A 153 -14.69 33.27 35.35
C VAL A 153 -15.17 34.70 35.50
N GLY A 154 -16.34 35.01 34.96
CA GLY A 154 -16.81 36.39 34.84
C GLY A 154 -15.94 37.16 33.86
N ALA A 155 -15.77 38.46 34.09
CA ALA A 155 -14.78 39.25 33.36
C ALA A 155 -13.42 38.97 34.00
N ALA A 156 -13.36 39.19 35.31
CA ALA A 156 -12.24 38.76 36.14
C ALA A 156 -12.81 38.20 37.43
N ARG A 157 -12.04 37.34 38.10
CA ARG A 157 -12.49 36.67 39.33
C ARG A 157 -12.99 37.65 40.39
N GLU A 158 -13.99 37.20 41.17
CA GLU A 158 -14.52 37.96 42.29
C GLU A 158 -14.29 37.19 43.58
N GLY A 159 -14.33 37.89 44.71
CA GLY A 159 -14.33 37.27 46.02
C GLY A 159 -15.66 36.57 46.23
N ILE A 160 -15.70 35.27 45.92
CA ILE A 160 -16.94 34.48 45.85
C ILE A 160 -18.03 35.00 46.81
N PRO A 161 -19.00 35.76 46.29
CA PRO A 161 -20.06 36.33 47.13
C PRO A 161 -21.23 35.38 47.38
N ASN A 162 -21.84 34.88 46.30
CA ASN A 162 -23.01 34.01 46.39
C ASN A 162 -22.61 32.55 46.25
N ARG A 163 -22.96 31.73 47.24
CA ARG A 163 -22.66 30.30 47.23
C ARG A 163 -23.65 29.50 46.38
N ASN A 164 -24.76 30.12 46.00
CA ASN A 164 -25.72 29.49 45.07
C ASN A 164 -25.16 29.36 43.66
N ASP A 165 -24.24 30.25 43.29
CA ASP A 165 -23.54 30.18 42.01
C ASP A 165 -22.58 29.00 41.96
N VAL A 166 -22.05 28.62 43.13
CA VAL A 166 -21.13 27.48 43.24
C VAL A 166 -21.86 26.14 43.12
N ALA A 167 -23.08 26.09 43.66
CA ALA A 167 -23.87 24.85 43.66
C ALA A 167 -24.28 24.40 42.26
N LYS A 168 -24.68 25.35 41.42
CA LYS A 168 -25.15 25.05 40.06
C LYS A 168 -24.01 24.83 39.07
N SER A 169 -22.89 25.53 39.27
CA SER A 169 -21.83 25.60 38.27
C SER A 169 -20.96 24.35 38.18
N THR A 170 -20.39 23.91 39.31
CA THR A 170 -19.27 22.96 39.26
C THR A 170 -19.24 21.83 40.32
N GLY A 171 -20.38 21.47 40.91
CA GLY A 171 -20.36 20.35 41.87
C GLY A 171 -21.64 19.94 42.56
N TRP A 172 -21.54 18.82 43.28
CA TRP A 172 -22.63 18.28 44.10
C TRP A 172 -22.66 18.94 45.47
N ASN A 173 -23.54 18.42 46.34
CA ASN A 173 -23.57 18.78 47.75
C ASN A 173 -23.79 20.27 47.97
N GLN A 174 -25.02 20.71 47.72
CA GLN A 174 -25.45 22.05 48.10
C GLN A 174 -25.50 22.16 49.63
N ASP A 175 -25.58 21.01 50.30
CA ASP A 175 -25.49 20.92 51.75
C ASP A 175 -24.05 21.11 52.25
N GLN A 176 -23.10 20.46 51.59
CA GLN A 176 -21.68 20.52 52.00
C GLN A 176 -20.99 21.81 51.55
N VAL A 177 -21.63 22.58 50.66
CA VAL A 177 -21.16 23.92 50.32
C VAL A 177 -21.82 24.98 51.22
N GLN A 178 -23.01 24.66 51.74
CA GLN A 178 -23.68 25.51 52.72
C GLN A 178 -22.86 25.53 54.02
N LYS A 179 -22.61 24.33 54.56
CA LYS A 179 -21.70 24.17 55.69
C LYS A 179 -20.28 23.95 55.18
N PHE A 180 -19.40 24.93 55.40
CA PHE A 180 -17.99 24.80 55.04
C PHE A 180 -17.19 25.72 55.97
N PRO A 181 -16.41 25.15 56.91
CA PRO A 181 -15.76 25.92 57.97
C PRO A 181 -15.02 27.17 57.47
N ASP A 182 -14.99 28.21 58.31
CA ASP A 182 -14.34 29.48 57.95
C ASP A 182 -12.81 29.37 58.04
N ASN A 183 -12.27 28.39 57.31
CA ASN A 183 -10.82 28.13 57.24
C ASN A 183 -10.37 27.81 55.81
N ARG A 184 -11.20 27.07 55.07
CA ARG A 184 -10.91 26.67 53.70
C ARG A 184 -11.37 27.71 52.65
N MET A 185 -11.77 28.90 53.10
CA MET A 185 -12.18 29.97 52.18
C MET A 185 -11.01 30.45 51.33
N ASP A 186 -9.87 30.69 51.97
CA ASP A 186 -8.66 31.13 51.27
C ASP A 186 -8.15 30.05 50.31
N SER A 187 -8.33 28.78 50.69
CA SER A 187 -7.94 27.65 49.85
C SER A 187 -8.85 27.51 48.63
N LEU A 188 -10.15 27.67 48.84
CA LEU A 188 -11.16 27.51 47.78
C LEU A 188 -11.08 28.63 46.73
N ILE A 189 -10.84 29.86 47.19
CA ILE A 189 -10.69 31.00 46.29
C ILE A 189 -9.40 30.89 45.47
N SER A 190 -8.33 30.46 46.12
CA SER A 190 -7.05 30.21 45.44
C SER A 190 -7.14 29.00 44.51
N LEU A 191 -7.99 28.04 44.85
CA LEU A 191 -8.20 26.85 44.03
C LEU A 191 -8.95 27.20 42.75
N LEU A 192 -10.17 27.71 42.90
CA LEU A 192 -11.11 27.87 41.78
C LEU A 192 -10.63 28.87 40.72
N GLU A 193 -9.94 29.93 41.13
CA GLU A 193 -9.54 31.00 40.23
C GLU A 193 -8.13 30.82 39.65
N GLN A 194 -7.52 29.66 39.87
CA GLN A 194 -6.26 29.30 39.23
C GLN A 194 -6.45 28.13 38.25
N MET A 195 -7.70 27.85 37.89
CA MET A 195 -8.04 26.77 36.96
C MET A 195 -8.27 27.29 35.54
N GLN A 196 -8.35 28.61 35.39
CA GLN A 196 -8.58 29.23 34.08
C GLN A 196 -7.37 29.06 33.17
N THR A 197 -6.18 29.33 33.70
CA THR A 197 -4.93 29.12 32.97
C THR A 197 -4.29 27.80 33.38
N GLY A 198 -3.42 27.29 32.50
CA GLY A 198 -2.69 26.05 32.78
C GLY A 198 -3.39 24.80 32.30
N GLN A 199 -3.17 24.45 31.03
CA GLN A 199 -3.71 23.20 30.46
C GLN A 199 -2.95 22.82 29.18
N SER A 200 -2.12 21.80 29.28
CA SER A 200 -1.41 21.23 28.13
C SER A 200 -0.84 19.87 28.52
N LYS A 201 -1.12 18.85 27.71
CA LYS A 201 -0.80 17.47 28.07
C LYS A 201 -0.46 16.60 26.86
N LEU A 202 0.49 17.06 26.05
CA LEU A 202 0.93 16.29 24.88
C LEU A 202 1.74 15.05 25.31
N THR A 203 2.62 15.23 26.30
CA THR A 203 3.46 14.13 26.80
C THR A 203 2.67 13.10 27.62
N ARG A 204 1.52 13.51 28.16
CA ARG A 204 0.65 12.59 28.90
C ARG A 204 0.14 11.49 27.96
N LEU A 205 -0.36 11.91 26.79
CA LEU A 205 -0.87 10.97 25.80
C LEU A 205 0.26 10.17 25.12
N VAL A 206 1.47 10.74 25.11
CA VAL A 206 2.64 10.05 24.54
C VAL A 206 2.93 8.74 25.28
N LYS A 207 2.86 8.78 26.61
CA LYS A 207 3.08 7.60 27.43
C LYS A 207 1.97 6.56 27.26
N GLY A 208 0.76 7.03 26.94
CA GLY A 208 -0.38 6.15 26.67
C GLY A 208 -0.28 5.48 25.31
N PHE A 209 0.06 6.26 24.29
CA PHE A 209 0.25 5.74 22.93
C PHE A 209 1.55 4.94 22.77
N LEU A 210 2.51 5.18 23.66
CA LEU A 210 3.72 4.36 23.72
C LEU A 210 3.41 2.98 24.32
N ILE A 211 2.62 2.99 25.40
CA ILE A 211 2.18 1.74 26.03
C ILE A 211 1.12 1.03 25.18
N LEU A 212 0.46 1.76 24.29
CA LEU A 212 -0.50 1.18 23.34
C LEU A 212 0.19 0.13 22.48
N LEU A 213 1.22 0.56 21.75
CA LEU A 213 1.97 -0.34 20.86
C LEU A 213 2.89 -1.29 21.61
N GLU A 214 3.13 -1.03 22.89
CA GLU A 214 3.86 -1.96 23.76
C GLU A 214 3.03 -3.23 24.01
N MET A 215 1.71 -3.11 23.96
CA MET A 215 0.81 -4.24 24.16
C MET A 215 -0.30 -4.26 23.09
N ALA A 216 0.04 -3.82 21.89
CA ALA A 216 -0.89 -3.88 20.75
C ALA A 216 -0.47 -5.01 19.81
N GLU A 217 0.70 -4.86 19.20
CA GLU A 217 1.27 -5.91 18.35
C GLU A 217 1.86 -7.04 19.19
N ARG A 218 2.47 -6.66 20.32
CA ARG A 218 2.87 -7.61 21.34
C ARG A 218 1.63 -7.99 22.14
N LYS A 219 1.54 -9.23 22.59
CA LYS A 219 0.30 -9.75 23.18
C LYS A 219 -0.04 -9.18 24.56
N GLU A 220 -1.23 -9.53 25.05
CA GLU A 220 -1.81 -8.99 26.28
C GLU A 220 -0.87 -8.98 27.48
N VAL A 221 -0.98 -7.94 28.31
CA VAL A 221 -0.18 -7.80 29.52
C VAL A 221 -1.09 -7.60 30.74
N ASP A 222 -1.01 -8.52 31.70
CA ASP A 222 -1.76 -8.42 32.95
C ASP A 222 -0.93 -7.67 33.99
N PHE A 223 -1.48 -6.56 34.49
CA PHE A 223 -0.77 -5.71 35.45
C PHE A 223 -1.67 -5.17 36.57
N HIS A 224 -1.05 -4.54 37.56
CA HIS A 224 -1.75 -4.04 38.75
C HIS A 224 -2.03 -2.53 38.71
N VAL A 225 -2.88 -2.09 39.63
CA VAL A 225 -3.28 -0.69 39.72
C VAL A 225 -2.83 -0.09 41.06
N GLY A 226 -1.82 0.78 41.01
CA GLY A 226 -1.28 1.44 42.20
C GLY A 226 -1.48 2.94 42.16
N ASN A 227 -2.45 3.45 42.94
CA ASN A 227 -2.78 4.86 42.93
C ASN A 227 -3.35 5.42 44.22
N HIS A 228 -3.35 6.74 44.30
CA HIS A 228 -4.09 7.50 45.30
C HIS A 228 -5.31 8.03 44.55
N ILE A 229 -6.33 8.48 45.27
CA ILE A 229 -7.63 8.75 44.63
C ILE A 229 -8.39 9.95 45.22
N HIS A 230 -8.87 10.82 44.33
CA HIS A 230 -9.78 11.91 44.71
C HIS A 230 -11.22 11.48 44.43
N VAL A 231 -12.17 12.13 45.10
CA VAL A 231 -13.54 11.62 45.18
C VAL A 231 -14.56 12.40 44.34
N THR A 232 -14.52 13.72 44.39
CA THR A 232 -15.64 14.54 43.90
C THR A 232 -15.23 15.82 43.16
N TYR A 233 -16.22 16.57 42.69
CA TYR A 233 -16.00 17.74 41.83
C TYR A 233 -15.79 19.05 42.60
N ALA A 234 -16.75 19.42 43.45
CA ALA A 234 -16.67 20.66 44.22
C ALA A 234 -17.07 20.42 45.68
N ILE A 235 -16.41 19.46 46.31
CA ILE A 235 -16.65 19.10 47.72
C ILE A 235 -15.34 19.21 48.50
N ALA A 236 -15.37 18.92 49.79
CA ALA A 236 -14.19 19.00 50.65
C ALA A 236 -12.98 18.22 50.13
N PRO A 237 -13.18 16.97 49.66
CA PRO A 237 -12.08 16.22 49.06
C PRO A 237 -11.39 16.94 47.89
N VAL A 238 -12.17 17.55 47.00
CA VAL A 238 -11.61 18.28 45.87
C VAL A 238 -10.92 19.58 46.32
N CYS A 239 -11.38 20.14 47.44
CA CYS A 239 -10.75 21.32 48.04
C CYS A 239 -9.49 20.92 48.80
N ASP A 240 -9.56 19.80 49.52
CA ASP A 240 -8.43 19.27 50.28
C ASP A 240 -7.35 18.69 49.35
N SER A 241 -7.76 18.23 48.18
CA SER A 241 -6.83 17.65 47.19
C SER A 241 -5.82 18.67 46.65
N TYR A 242 -6.30 19.88 46.38
CA TYR A 242 -5.51 20.95 45.76
C TYR A 242 -4.16 21.17 46.46
N ASP A 243 -4.14 21.05 47.79
CA ASP A 243 -2.93 21.28 48.58
C ASP A 243 -1.80 20.32 48.18
N LEU A 244 -0.57 20.73 48.50
CA LEU A 244 0.67 19.99 48.16
C LEU A 244 1.04 20.12 46.68
N PRO A 245 2.32 20.40 46.38
CA PRO A 245 2.79 20.50 45.01
C PRO A 245 3.16 19.16 44.40
N GLY A 246 3.17 19.09 43.07
CA GLY A 246 3.55 17.87 42.36
C GLY A 246 2.53 16.76 42.48
N ARG A 247 1.26 17.11 42.26
CA ARG A 247 0.17 16.14 42.30
C ARG A 247 -0.63 16.24 41.01
N CYS A 248 -0.58 15.18 40.20
CA CYS A 248 -1.24 15.16 38.89
C CYS A 248 -2.64 14.57 39.00
N TYR A 249 -3.59 15.18 38.30
CA TYR A 249 -5.00 14.80 38.37
C TYR A 249 -5.47 14.22 37.04
N VAL A 250 -5.91 12.97 37.05
CA VAL A 250 -6.46 12.32 35.86
C VAL A 250 -7.91 11.94 36.11
N PHE A 251 -8.84 12.64 35.44
CA PHE A 251 -10.27 12.41 35.65
C PHE A 251 -10.75 11.15 34.94
N ASN A 252 -11.36 10.25 35.71
CA ASN A 252 -12.00 9.06 35.17
C ASN A 252 -13.50 9.32 34.99
N SER A 253 -13.96 9.27 33.74
CA SER A 253 -15.36 9.53 33.42
C SER A 253 -16.26 8.41 33.95
N LYS A 254 -15.94 7.17 33.58
CA LYS A 254 -16.63 6.00 34.12
C LYS A 254 -15.63 5.04 34.81
N PRO A 255 -15.42 5.22 36.12
CA PRO A 255 -14.54 4.33 36.89
C PRO A 255 -15.29 3.09 37.41
N THR A 256 -16.15 2.52 36.57
CA THR A 256 -16.95 1.36 36.95
C THR A 256 -16.10 0.10 36.94
N SER A 257 -15.40 -0.13 35.84
CA SER A 257 -14.52 -1.29 35.69
C SER A 257 -13.07 -0.92 36.02
N GLU A 258 -12.23 -1.95 36.09
CA GLU A 258 -10.82 -1.79 36.46
C GLU A 258 -9.96 -1.35 35.28
N ALA A 259 -10.46 -1.51 34.06
CA ALA A 259 -9.69 -1.27 32.84
C ALA A 259 -9.24 0.18 32.68
N HIS A 260 -10.18 1.12 32.81
CA HIS A 260 -9.89 2.54 32.62
C HIS A 260 -9.02 3.10 33.74
N ALA A 261 -9.28 2.68 34.97
CA ALA A 261 -8.50 3.11 36.13
C ALA A 261 -7.10 2.48 36.17
N ALA A 262 -6.88 1.44 35.38
CA ALA A 262 -5.59 0.77 35.30
C ALA A 262 -4.68 1.38 34.23
N VAL A 263 -5.24 1.72 33.07
CA VAL A 263 -4.47 2.18 31.92
C VAL A 263 -3.97 3.62 32.09
N LEU A 264 -4.86 4.53 32.48
CA LEU A 264 -4.49 5.93 32.71
C LEU A 264 -3.49 6.07 33.87
N LEU A 265 -3.56 5.12 34.81
CA LEU A 265 -2.70 5.13 35.98
C LEU A 265 -1.28 4.73 35.63
N ALA A 266 -1.13 3.53 35.05
CA ALA A 266 0.18 2.99 34.67
C ALA A 266 0.89 3.89 33.67
N MET A 267 0.10 4.55 32.81
CA MET A 267 0.59 5.54 31.86
C MET A 267 1.42 6.64 32.51
N CYS A 268 1.02 7.07 33.72
CA CYS A 268 1.60 8.26 34.35
C CYS A 268 2.98 8.03 34.98
N ARG A 269 3.10 7.01 35.83
CA ARG A 269 4.32 6.83 36.64
C ARG A 269 5.50 6.32 35.82
N GLU A 270 6.57 7.11 35.78
CA GLU A 270 7.83 6.71 35.14
C GLU A 270 7.59 6.00 33.81
N TYR A 271 7.88 4.70 33.74
CA TYR A 271 7.50 3.85 32.62
C TYR A 271 7.09 2.50 33.22
N PRO A 272 5.80 2.13 33.09
CA PRO A 272 5.16 1.03 33.83
C PRO A 272 6.12 -0.06 34.35
N PRO A 273 6.34 -0.11 35.68
CA PRO A 273 7.15 -1.18 36.26
C PRO A 273 6.33 -2.43 36.54
N PRO A 274 6.89 -3.64 36.27
CA PRO A 274 8.17 -3.95 35.64
C PRO A 274 7.98 -4.52 34.23
N GLN A 275 7.82 -3.65 33.24
CA GLN A 275 7.59 -4.05 31.86
C GLN A 275 8.75 -3.63 30.94
N PHE A 276 9.81 -4.45 30.94
CA PHE A 276 10.97 -4.30 30.04
C PHE A 276 11.12 -2.93 29.38
N ALA A 277 12.03 -2.11 29.92
CA ALA A 277 12.26 -0.75 29.42
C ALA A 277 12.58 -0.72 27.93
N SER A 278 13.59 -1.50 27.54
CA SER A 278 13.99 -1.66 26.13
C SER A 278 14.37 -0.34 25.43
N HIS A 279 13.42 0.28 24.72
CA HIS A 279 13.72 1.44 23.88
C HIS A 279 13.77 2.75 24.67
N VAL A 280 12.60 3.16 25.19
CA VAL A 280 12.42 4.52 25.72
C VAL A 280 12.39 4.58 27.24
N SER A 281 12.90 5.70 27.78
CA SER A 281 12.83 5.99 29.21
C SER A 281 12.24 7.40 29.42
N VAL A 282 10.91 7.46 29.51
CA VAL A 282 10.20 8.72 29.67
C VAL A 282 10.36 9.26 31.09
N PRO A 283 10.56 10.58 31.24
CA PRO A 283 10.71 11.14 32.58
C PRO A 283 9.44 11.07 33.42
N ALA A 284 9.58 10.66 34.67
CA ALA A 284 8.44 10.55 35.58
C ALA A 284 7.98 11.93 36.03
N ASP A 285 6.81 12.34 35.57
CA ASP A 285 6.19 13.58 36.04
C ASP A 285 5.80 13.44 37.51
N ALA A 286 5.71 14.57 38.20
CA ALA A 286 5.37 14.60 39.63
C ALA A 286 4.72 13.31 40.12
N GLU A 287 5.53 12.43 40.72
CA GLU A 287 5.08 11.11 41.16
C GLU A 287 4.07 11.24 42.31
N ASP A 288 3.28 10.19 42.51
CA ASP A 288 2.18 10.15 43.48
C ASP A 288 0.89 10.56 42.77
N VAL A 289 0.42 9.68 41.89
CA VAL A 289 -0.73 9.97 41.03
C VAL A 289 -2.04 9.91 41.82
N CYS A 290 -2.94 10.85 41.53
CA CYS A 290 -4.21 10.94 42.22
C CYS A 290 -5.37 11.10 41.22
N ILE A 291 -6.10 10.01 40.98
CA ILE A 291 -7.19 9.98 40.01
C ILE A 291 -8.48 10.52 40.63
N VAL A 292 -9.36 11.06 39.80
CA VAL A 292 -10.70 11.49 40.23
C VAL A 292 -11.73 10.49 39.74
N SER A 293 -12.49 9.91 40.67
CA SER A 293 -13.45 8.85 40.36
C SER A 293 -14.68 8.92 41.25
N GLN A 294 -15.85 8.67 40.66
CA GLN A 294 -17.11 8.63 41.41
C GLN A 294 -17.20 7.37 42.26
N GLY A 295 -16.92 6.24 41.63
CA GLY A 295 -16.82 4.96 42.33
C GLY A 295 -15.39 4.70 42.77
N ARG A 296 -15.23 4.16 43.98
CA ARG A 296 -13.90 3.92 44.55
C ARG A 296 -13.27 2.66 43.97
N GLN A 297 -12.03 2.79 43.51
CA GLN A 297 -11.27 1.67 42.95
C GLN A 297 -10.45 0.99 44.05
N ILE A 298 -9.85 -0.16 43.72
CA ILE A 298 -9.08 -0.95 44.67
C ILE A 298 -7.61 -1.03 44.24
N GLN A 299 -6.71 -0.80 45.19
CA GLN A 299 -5.27 -0.78 44.90
C GLN A 299 -4.65 -2.18 44.81
N PRO A 300 -4.68 -2.96 45.92
CA PRO A 300 -3.88 -4.17 45.95
C PRO A 300 -4.50 -5.40 45.27
N GLY A 301 -5.68 -5.80 45.71
CA GLY A 301 -6.29 -7.07 45.31
C GLY A 301 -6.62 -7.23 43.82
N SER A 302 -7.04 -6.14 43.19
CA SER A 302 -7.53 -6.20 41.81
C SER A 302 -6.40 -6.40 40.79
N ALA A 303 -6.74 -7.05 39.68
CA ALA A 303 -5.81 -7.27 38.56
C ALA A 303 -6.56 -7.15 37.24
N VAL A 304 -5.97 -6.44 36.29
CA VAL A 304 -6.63 -6.14 35.01
C VAL A 304 -5.93 -6.82 33.83
N THR A 305 -6.74 -7.27 32.86
CA THR A 305 -6.23 -7.82 31.61
C THR A 305 -6.74 -6.97 30.45
N LEU A 306 -5.86 -6.64 29.51
CA LEU A 306 -6.21 -5.71 28.42
C LEU A 306 -5.43 -5.95 27.12
N ASN A 307 -6.17 -6.03 26.02
CA ASN A 307 -5.62 -6.21 24.68
C ASN A 307 -5.86 -4.91 23.90
N PRO A 308 -5.58 -4.89 22.58
CA PRO A 308 -5.95 -3.68 21.81
C PRO A 308 -7.47 -3.45 21.81
N GLY A 309 -7.88 -2.21 22.00
CA GLY A 309 -9.30 -1.86 22.11
C GLY A 309 -9.69 -1.41 23.51
N LEU A 310 -8.91 -1.82 24.51
CA LEU A 310 -9.06 -1.35 25.88
C LEU A 310 -8.09 -0.20 26.18
N VAL A 311 -6.90 -0.29 25.61
CA VAL A 311 -5.86 0.73 25.80
C VAL A 311 -6.17 1.98 24.98
N TYR A 312 -6.55 1.79 23.73
CA TYR A 312 -6.92 2.90 22.85
C TYR A 312 -8.26 3.53 23.25
N SER A 313 -9.15 2.73 23.82
CA SER A 313 -10.44 3.23 24.30
C SER A 313 -10.29 4.12 25.53
N SER A 314 -9.44 3.71 26.46
CA SER A 314 -9.17 4.49 27.66
C SER A 314 -8.56 5.85 27.33
N ILE A 315 -7.77 5.90 26.25
CA ILE A 315 -7.17 7.15 25.77
C ILE A 315 -8.19 8.04 25.06
N LEU A 316 -9.05 7.45 24.24
CA LEU A 316 -10.07 8.21 23.50
C LEU A 316 -11.12 8.84 24.43
N THR A 317 -11.60 8.06 25.40
CA THR A 317 -12.54 8.57 26.41
C THR A 317 -11.87 9.67 27.25
N TYR A 318 -10.58 9.50 27.51
CA TYR A 318 -9.77 10.50 28.20
C TYR A 318 -9.48 11.72 27.31
N ALA A 319 -9.36 11.48 26.00
CA ALA A 319 -9.07 12.54 25.03
C ALA A 319 -10.27 13.47 24.80
N MET A 320 -11.47 12.91 24.81
CA MET A 320 -12.70 13.70 24.61
C MET A 320 -12.95 14.69 25.75
N ASP A 321 -12.39 14.42 26.92
CA ASP A 321 -12.51 15.33 28.07
C ASP A 321 -11.77 16.64 27.81
N THR A 322 -10.50 16.52 27.44
CA THR A 322 -9.66 17.69 27.13
C THR A 322 -8.52 17.31 26.18
N SER A 323 -8.12 18.25 25.33
CA SER A 323 -7.00 18.09 24.39
C SER A 323 -7.25 16.98 23.36
N CYS A 324 -8.41 17.01 22.72
CA CYS A 324 -8.76 16.07 21.65
C CYS A 324 -8.06 16.44 20.35
N THR A 325 -7.79 17.73 20.16
CA THR A 325 -7.08 18.23 18.98
C THR A 325 -5.60 17.84 18.97
N ASP A 326 -5.05 17.53 20.16
CA ASP A 326 -3.66 17.08 20.29
C ASP A 326 -3.45 15.66 19.75
N LEU A 327 -4.54 14.93 19.53
CA LEU A 327 -4.46 13.57 18.95
C LEU A 327 -3.81 13.59 17.57
N LEU A 328 -3.99 14.69 16.83
CA LEU A 328 -3.32 14.90 15.54
C LEU A 328 -1.80 14.86 15.70
N GLN A 329 -1.29 15.66 16.63
CA GLN A 329 0.14 15.72 16.92
C GLN A 329 0.63 14.50 17.69
N GLU A 330 -0.26 13.87 18.45
CA GLU A 330 0.08 12.74 19.32
C GLU A 330 0.58 11.52 18.55
N ALA A 331 -0.13 11.16 17.47
CA ALA A 331 0.19 9.95 16.70
C ALA A 331 1.59 9.94 16.10
N GLN A 332 2.15 11.12 15.85
CA GLN A 332 3.48 11.24 15.24
C GLN A 332 4.61 11.00 16.26
N ILE A 333 4.50 11.65 17.42
CA ILE A 333 5.57 11.64 18.44
C ILE A 333 5.87 10.23 18.94
N ILE A 334 4.84 9.43 19.20
CA ILE A 334 5.02 8.04 19.63
C ILE A 334 5.70 7.17 18.56
N ALA A 335 5.50 7.52 17.29
CA ALA A 335 6.14 6.82 16.18
C ALA A 335 7.66 7.09 16.20
N CYS A 336 8.03 8.34 16.48
CA CYS A 336 9.42 8.73 16.62
C CYS A 336 10.08 8.12 17.86
N SER A 337 9.27 7.82 18.87
CA SER A 337 9.75 7.32 20.15
C SER A 337 10.17 5.85 20.09
N LEU A 338 9.27 4.99 19.62
CA LEU A 338 9.51 3.54 19.60
C LEU A 338 10.80 3.19 18.86
N GLN A 339 10.93 3.69 17.64
CA GLN A 339 12.16 3.53 16.86
C GLN A 339 12.89 4.86 16.80
N GLU A 340 14.05 4.96 17.45
CA GLU A 340 14.85 6.16 17.35
C GLU A 340 16.13 5.89 16.57
N ASN A 341 16.34 6.65 15.50
CA ASN A 341 17.55 6.51 14.70
C ASN A 341 18.34 7.82 14.61
N ARG A 342 19.61 7.76 14.93
CA ARG A 342 20.47 8.93 14.88
C ARG A 342 19.94 9.99 15.84
N TYR A 343 19.30 9.54 16.91
CA TYR A 343 18.74 10.43 17.91
C TYR A 343 19.26 10.10 19.29
N PHE A 344 19.69 11.11 20.03
CA PHE A 344 20.18 10.90 21.39
C PHE A 344 19.78 12.06 22.28
N SER A 345 19.26 11.75 23.47
CA SER A 345 18.77 12.76 24.40
C SER A 345 17.87 13.77 23.69
N ARG A 346 16.82 13.25 23.05
CA ARG A 346 15.90 14.09 22.28
C ARG A 346 15.06 14.96 23.22
N ILE A 347 14.86 16.22 22.82
CA ILE A 347 13.94 17.11 23.51
C ILE A 347 12.88 17.54 22.49
N GLY A 348 12.11 16.55 22.04
CA GLY A 348 11.13 16.75 20.98
C GLY A 348 9.90 17.50 21.42
N LEU A 349 8.98 16.79 22.05
CA LEU A 349 7.70 17.36 22.50
C LEU A 349 7.79 17.90 23.92
N PRO A 350 7.57 19.22 24.11
CA PRO A 350 7.55 19.82 25.44
C PRO A 350 6.14 20.06 25.97
N THR A 351 5.78 19.33 27.03
CA THR A 351 4.52 19.56 27.73
C THR A 351 4.63 19.09 29.17
N VAL A 352 5.20 19.93 30.02
CA VAL A 352 5.27 19.67 31.45
C VAL A 352 3.84 19.54 31.95
N VAL A 353 3.42 18.31 32.25
CA VAL A 353 2.02 18.01 32.53
C VAL A 353 1.46 18.85 33.69
N SER A 354 0.95 20.02 33.33
CA SER A 354 0.26 20.90 34.28
C SER A 354 -1.23 20.70 34.07
N LEU A 355 -1.85 19.90 34.94
CA LEU A 355 -3.19 19.39 34.70
C LEU A 355 -4.17 19.81 35.80
N TYR A 356 -4.37 21.11 35.92
CA TYR A 356 -5.28 21.67 36.92
C TYR A 356 -6.76 21.49 36.55
N ASP A 357 -7.05 21.38 35.26
CA ASP A 357 -8.44 21.35 34.79
C ASP A 357 -9.16 20.01 35.04
N LEU A 358 -8.43 18.90 34.96
CA LEU A 358 -9.03 17.57 35.19
C LEU A 358 -9.46 17.38 36.65
N MET A 359 -8.88 18.16 37.56
CA MET A 359 -9.36 18.23 38.93
C MET A 359 -10.76 18.83 38.99
N VAL A 360 -10.97 19.89 38.20
CA VAL A 360 -12.25 20.62 38.18
C VAL A 360 -13.01 20.37 36.87
N PRO A 361 -14.00 19.45 36.89
CA PRO A 361 -14.78 19.13 35.71
C PRO A 361 -15.89 20.16 35.47
N ALA A 362 -16.90 19.80 34.68
CA ALA A 362 -17.96 20.74 34.31
C ALA A 362 -17.38 21.88 33.49
N PHE A 363 -16.49 21.52 32.56
CA PHE A 363 -15.80 22.46 31.71
C PHE A 363 -16.32 22.27 30.29
N ILE A 364 -16.68 23.37 29.62
CA ILE A 364 -17.29 23.30 28.30
C ILE A 364 -16.33 22.64 27.29
N ALA A 365 -16.76 21.53 26.70
CA ALA A 365 -15.93 20.77 25.77
C ALA A 365 -15.77 21.50 24.44
N GLN A 366 -14.55 21.55 23.94
CA GLN A 366 -14.23 22.24 22.69
C GLN A 366 -14.53 21.36 21.48
N ASN A 367 -15.47 21.81 20.64
CA ASN A 367 -15.83 21.08 19.42
C ASN A 367 -14.88 21.43 18.29
N SER A 368 -14.09 20.44 17.86
CA SER A 368 -13.09 20.63 16.80
C SER A 368 -13.00 19.40 15.90
N ALA A 369 -12.10 19.43 14.92
CA ALA A 369 -11.88 18.30 14.03
C ALA A 369 -11.14 17.16 14.74
N LEU A 370 -11.46 15.93 14.35
CA LEU A 370 -10.86 14.74 14.96
C LEU A 370 -9.78 14.15 14.07
N GLU A 371 -8.73 13.60 14.70
CA GLU A 371 -7.67 12.92 13.97
C GLU A 371 -8.18 11.56 13.50
N GLY A 372 -8.58 10.72 14.45
CA GLY A 372 -9.07 9.38 14.14
C GLY A 372 -7.98 8.45 13.64
N ALA A 373 -6.77 8.60 14.18
CA ALA A 373 -5.60 7.87 13.71
C ALA A 373 -5.61 6.44 14.25
N ARG A 374 -5.76 5.48 13.35
CA ARG A 374 -5.80 4.07 13.73
C ARG A 374 -4.42 3.44 13.55
N LEU A 375 -3.76 3.16 14.66
CA LEU A 375 -2.43 2.54 14.64
C LEU A 375 -2.55 1.09 14.21
N SER A 376 -2.48 0.85 12.90
CA SER A 376 -2.53 -0.51 12.36
C SER A 376 -1.27 -1.26 12.79
N GLY A 377 -1.43 -2.56 13.08
CA GLY A 377 -0.36 -3.38 13.64
C GLY A 377 1.02 -3.15 13.06
N ASP A 378 1.11 -3.10 11.73
CA ASP A 378 2.39 -2.93 11.05
C ASP A 378 2.65 -1.48 10.62
N LEU A 379 1.59 -0.75 10.28
CA LEU A 379 1.73 0.60 9.72
C LEU A 379 2.16 1.65 10.75
N SER A 380 1.75 1.47 12.00
CA SER A 380 2.07 2.41 13.08
C SER A 380 3.57 2.59 13.28
N LYS A 381 4.32 1.50 13.17
CA LYS A 381 5.78 1.54 13.23
C LYS A 381 6.34 2.23 11.99
N ALA A 382 5.86 1.80 10.82
CA ALA A 382 6.32 2.32 9.53
C ALA A 382 6.24 3.85 9.41
N VAL A 383 5.21 4.44 10.01
CA VAL A 383 5.04 5.90 10.01
C VAL A 383 6.20 6.58 10.75
N GLY A 384 6.58 6.01 11.89
CA GLY A 384 7.73 6.49 12.65
C GLY A 384 9.05 6.20 11.96
N ARG A 385 9.12 5.07 11.27
CA ARG A 385 10.31 4.68 10.51
C ARG A 385 10.55 5.60 9.31
N VAL A 386 9.48 6.22 8.81
CA VAL A 386 9.58 7.24 7.77
C VAL A 386 9.99 8.59 8.35
N HIS A 387 9.50 8.91 9.54
CA HIS A 387 9.80 10.18 10.21
C HIS A 387 11.28 10.30 10.57
N GLN A 388 11.83 9.25 11.17
CA GLN A 388 13.26 9.22 11.51
C GLN A 388 14.12 9.24 10.25
N MET A 389 13.62 8.62 9.19
CA MET A 389 14.28 8.61 7.89
C MET A 389 14.17 9.98 7.21
N LEU A 390 13.06 10.66 7.43
CA LEU A 390 12.90 12.04 6.98
C LEU A 390 13.75 12.98 7.84
N GLY A 391 13.84 12.66 9.14
CA GLY A 391 14.66 13.41 10.08
C GLY A 391 16.13 13.43 9.72
N MET A 392 16.61 12.33 9.13
CA MET A 392 17.97 12.26 8.61
C MET A 392 18.18 13.24 7.45
N VAL A 393 17.17 13.37 6.60
CA VAL A 393 17.25 14.28 5.45
C VAL A 393 17.31 15.74 5.89
N ALA A 394 16.61 16.06 6.99
CA ALA A 394 16.67 17.40 7.57
C ALA A 394 17.98 17.62 8.33
N ALA A 395 18.40 16.60 9.09
CA ALA A 395 19.61 16.69 9.92
C ALA A 395 20.89 16.73 9.08
N LYS A 396 20.95 15.87 8.06
CA LYS A 396 22.13 15.82 7.18
C LYS A 396 22.32 17.11 6.38
N ASP A 397 21.22 17.80 6.06
CA ASP A 397 21.27 19.03 5.28
C ASP A 397 22.10 20.12 5.97
N ILE A 398 21.92 20.27 7.28
CA ILE A 398 22.58 21.33 8.04
C ILE A 398 23.93 20.91 8.61
N ILE A 399 24.05 19.64 9.01
CA ILE A 399 25.25 19.14 9.68
C ILE A 399 26.43 19.00 8.71
N SER A 400 26.16 18.52 7.50
CA SER A 400 27.20 18.25 6.51
C SER A 400 27.66 19.51 5.75
N ALA A 401 26.75 20.48 5.59
CA ALA A 401 27.04 21.70 4.85
C ALA A 401 28.13 22.56 5.51
N THR A 402 28.09 22.65 6.84
CA THR A 402 29.08 23.43 7.59
C THR A 402 30.33 22.62 7.96
N HIS A 403 30.42 21.38 7.47
CA HIS A 403 31.52 20.48 7.83
C HIS A 403 32.69 20.53 6.83
N MET A 404 32.74 21.56 5.99
CA MET A 404 33.85 21.73 5.05
C MET A 404 35.10 22.34 5.71
N GLN A 405 34.95 22.82 6.95
CA GLN A 405 36.10 23.27 7.74
C GLN A 405 36.95 22.07 8.13
N SER A 406 38.24 22.14 7.82
CA SER A 406 39.14 21.00 7.99
C SER A 406 39.58 20.75 9.44
N ARG A 407 39.39 21.74 10.31
CA ARG A 407 39.94 21.70 11.67
C ARG A 407 38.89 21.31 12.70
N THR A 408 37.74 21.98 12.68
CA THR A 408 36.69 21.76 13.68
C THR A 408 35.29 21.92 13.09
N GLY A 409 34.30 21.40 13.83
CA GLY A 409 32.90 21.53 13.45
C GLY A 409 31.97 21.49 14.65
N PHE A 410 32.37 22.17 15.73
CA PHE A 410 31.58 22.23 16.96
C PHE A 410 30.93 23.59 17.13
N ASP A 411 31.75 24.64 17.15
CA ASP A 411 31.29 26.01 17.43
C ASP A 411 30.12 26.48 16.55
N PRO A 412 30.19 26.22 15.23
CA PRO A 412 29.07 26.61 14.37
C PRO A 412 27.84 25.70 14.52
N SER A 413 28.08 24.38 14.57
CA SER A 413 26.99 23.40 14.68
C SER A 413 26.27 23.45 16.03
N HIS A 414 27.01 23.79 17.08
CA HIS A 414 26.43 23.94 18.42
C HIS A 414 25.59 25.22 18.51
N GLY A 415 25.92 26.20 17.67
CA GLY A 415 25.23 27.48 17.63
C GLY A 415 23.81 27.41 17.08
N ILE A 416 23.56 26.51 16.13
CA ILE A 416 22.25 26.39 15.51
C ILE A 416 21.24 25.70 16.44
N ARG A 417 20.83 26.42 17.48
CA ARG A 417 19.79 25.97 18.40
C ARG A 417 18.42 26.32 17.82
N GLN A 418 18.37 27.44 17.08
CA GLN A 418 17.16 27.86 16.35
C GLN A 418 16.62 26.75 15.45
N TYR A 419 15.29 26.72 15.27
CA TYR A 419 14.62 25.64 14.56
C TYR A 419 14.41 25.90 13.06
N LEU A 420 15.11 26.88 12.49
CA LEU A 420 15.04 27.15 11.04
C LEU A 420 15.23 25.85 10.23
N ASN A 421 16.06 24.96 10.75
CA ASN A 421 16.25 23.62 10.17
C ASN A 421 14.99 22.77 10.18
N SER A 422 14.22 22.84 11.27
CA SER A 422 13.01 22.03 11.44
C SER A 422 11.97 22.23 10.32
N ASN A 423 11.88 23.45 9.81
CA ASN A 423 11.00 23.75 8.68
C ASN A 423 11.46 23.03 7.41
N SER A 424 10.63 22.13 6.90
CA SER A 424 10.97 21.29 5.74
C SER A 424 9.94 21.48 4.62
N ARG A 425 9.81 20.47 3.73
CA ARG A 425 9.03 20.63 2.50
C ARG A 425 7.74 19.79 2.43
N LEU A 426 7.88 18.46 2.34
CA LEU A 426 6.79 17.62 1.83
C LEU A 426 6.00 16.81 2.88
N VAL A 427 6.60 15.77 3.46
CA VAL A 427 5.86 14.82 4.29
C VAL A 427 5.62 15.39 5.71
N THR A 428 5.08 14.57 6.61
CA THR A 428 4.62 15.01 7.92
C THR A 428 5.75 15.49 8.84
N GLN A 429 5.62 16.73 9.32
CA GLN A 429 6.51 17.29 10.34
C GLN A 429 5.67 18.11 11.34
N MET A 430 5.68 17.68 12.59
CA MET A 430 4.85 18.30 13.63
C MET A 430 5.68 19.23 14.54
N ALA A 431 4.98 19.96 15.40
CA ALA A 431 5.61 20.94 16.29
C ALA A 431 6.37 20.26 17.43
N SER A 432 7.56 19.76 17.11
CA SER A 432 8.48 19.20 18.09
C SER A 432 9.82 19.93 17.98
N LYS A 433 10.89 19.31 18.46
CA LYS A 433 12.24 19.87 18.40
C LYS A 433 13.28 18.75 18.39
N LEU A 434 14.57 19.12 18.37
CA LEU A 434 15.65 18.13 18.40
C LEU A 434 16.99 18.77 18.74
N THR A 435 17.06 19.44 19.89
CA THR A 435 18.29 20.06 20.36
C THR A 435 19.17 19.03 21.07
N GLY A 436 20.20 18.55 20.38
CA GLY A 436 21.11 17.53 20.92
C GLY A 436 22.56 17.98 20.95
N ILE A 437 23.42 17.15 21.55
CA ILE A 437 24.85 17.49 21.73
C ILE A 437 25.81 16.40 21.23
N GLY A 438 25.29 15.36 20.58
CA GLY A 438 26.12 14.23 20.16
C GLY A 438 27.05 14.55 19.00
N LEU A 439 26.47 14.88 17.86
CA LEU A 439 27.21 15.24 16.65
C LEU A 439 28.12 14.10 16.14
N PHE A 440 27.48 12.99 15.76
CA PHE A 440 28.16 11.87 15.10
C PHE A 440 27.36 11.46 13.86
N ASP A 441 26.95 12.46 13.08
CA ASP A 441 26.05 12.23 11.94
C ASP A 441 26.79 11.97 10.63
N ALA A 442 28.12 11.82 10.68
CA ALA A 442 28.92 11.60 9.49
C ALA A 442 28.94 10.12 9.04
N THR A 443 28.61 9.20 9.95
CA THR A 443 28.72 7.77 9.67
C THR A 443 27.65 7.23 8.71
N PRO A 444 26.36 7.44 9.01
CA PRO A 444 25.33 6.85 8.15
C PRO A 444 25.13 7.61 6.83
N GLN A 445 24.47 6.96 5.88
CA GLN A 445 24.25 7.54 4.54
C GLN A 445 22.89 8.22 4.46
N MET A 446 22.74 9.09 3.46
CA MET A 446 21.48 9.82 3.25
C MET A 446 20.47 8.92 2.55
N ARG A 447 19.22 8.95 3.02
CA ARG A 447 18.15 8.14 2.47
C ARG A 447 17.09 9.06 1.83
N ILE A 448 17.15 9.18 0.50
CA ILE A 448 16.31 10.13 -0.23
C ILE A 448 14.87 9.65 -0.36
N PHE A 449 13.99 10.17 0.50
CA PHE A 449 12.54 9.96 0.40
C PHE A 449 11.80 11.21 -0.10
N SER A 450 12.38 12.39 0.14
CA SER A 450 11.80 13.66 -0.25
C SER A 450 12.43 14.18 -1.54
N GLU A 451 11.65 14.17 -2.63
CA GLU A 451 12.12 14.65 -3.93
C GLU A 451 11.47 16.00 -4.28
N MET A 452 11.76 17.00 -3.46
CA MET A 452 11.31 18.37 -3.70
C MET A 452 12.44 19.36 -3.38
N ASP A 453 12.19 20.64 -3.62
CA ASP A 453 13.20 21.69 -3.42
C ASP A 453 13.52 21.94 -1.93
N THR A 454 14.37 22.95 -1.69
CA THR A 454 14.85 23.34 -0.35
C THR A 454 15.89 22.40 0.28
N ALA A 455 16.99 22.19 -0.46
CA ALA A 455 18.19 21.49 0.07
C ALA A 455 19.41 22.40 -0.08
N ASP A 456 20.60 21.92 0.32
CA ASP A 456 21.81 22.75 0.34
C ASP A 456 23.12 21.96 0.39
N TYR A 457 24.16 22.54 -0.22
CA TYR A 457 25.53 22.01 -0.21
C TYR A 457 25.65 20.50 -0.51
N ALA A 458 25.64 19.66 0.52
CA ALA A 458 25.98 18.25 0.38
C ALA A 458 24.83 17.41 -0.17
N ASP A 459 23.62 17.70 0.31
CA ASP A 459 22.43 16.95 -0.12
C ASP A 459 22.10 17.21 -1.60
N MET A 460 22.30 18.45 -2.05
CA MET A 460 22.08 18.82 -3.45
C MET A 460 23.19 18.33 -4.38
N LEU A 461 24.39 18.15 -3.85
CA LEU A 461 25.57 17.83 -4.66
C LEU A 461 25.42 16.50 -5.43
N HIS A 462 24.56 15.61 -4.92
CA HIS A 462 24.20 14.39 -5.63
C HIS A 462 23.49 14.68 -6.96
N LEU A 463 22.66 15.71 -6.97
CA LEU A 463 21.77 15.99 -8.10
C LEU A 463 22.45 16.73 -9.25
N THR A 464 23.10 17.85 -8.94
CA THR A 464 23.57 18.79 -9.97
C THR A 464 25.04 18.62 -10.37
N ILE A 465 25.94 18.93 -9.45
CA ILE A 465 27.38 19.06 -9.77
C ILE A 465 28.04 17.69 -9.94
N PHE A 466 29.06 17.63 -10.81
CA PHE A 466 29.79 16.39 -11.08
C PHE A 466 30.58 15.87 -9.88
N GLU A 467 30.93 16.75 -8.94
CA GLU A 467 31.61 16.35 -7.70
C GLU A 467 30.88 15.23 -6.94
N GLY A 468 29.65 14.92 -7.37
CA GLY A 468 28.86 13.83 -6.79
C GLY A 468 29.54 12.47 -6.79
N LEU A 469 30.37 12.18 -7.79
CA LEU A 469 31.13 10.93 -7.82
C LEU A 469 32.00 10.79 -6.56
N TRP A 470 32.63 11.89 -6.16
CA TRP A 470 33.40 11.94 -4.91
C TRP A 470 32.48 11.94 -3.69
N LEU A 471 31.36 12.66 -3.80
CA LEU A 471 30.39 12.76 -2.70
C LEU A 471 29.67 11.44 -2.44
N VAL A 472 29.21 10.82 -3.53
CA VAL A 472 28.45 9.58 -3.46
C VAL A 472 29.29 8.47 -2.82
N GLN A 473 30.57 8.45 -3.15
CA GLN A 473 31.48 7.45 -2.60
C GLN A 473 31.54 7.60 -1.09
N ASP A 474 31.55 8.85 -0.62
CA ASP A 474 31.55 9.10 0.82
C ASP A 474 30.17 8.81 1.41
N ALA A 475 29.14 9.22 0.69
CA ALA A 475 27.76 9.08 1.15
C ALA A 475 27.36 7.62 1.36
N SER A 476 27.83 6.75 0.47
CA SER A 476 27.45 5.35 0.50
C SER A 476 28.55 4.45 1.04
N VAL A 477 28.19 3.61 2.01
CA VAL A 477 29.14 2.69 2.64
C VAL A 477 28.58 1.27 2.62
N CYS A 478 29.48 0.29 2.54
CA CYS A 478 29.08 -1.11 2.52
C CYS A 478 28.67 -1.54 1.12
N THR A 479 28.41 -0.56 0.26
CA THR A 479 28.10 -0.80 -1.16
C THR A 479 29.11 -0.13 -2.10
N ASP A 480 29.45 -0.84 -3.17
CA ASP A 480 30.42 -0.40 -4.16
C ASP A 480 29.85 -0.57 -5.58
N ASN A 481 30.48 0.09 -6.55
CA ASN A 481 30.03 0.02 -7.94
C ASN A 481 30.33 1.31 -8.70
N GLY A 482 31.07 2.20 -8.03
CA GLY A 482 31.34 3.56 -8.49
C GLY A 482 32.33 3.96 -9.57
N PRO A 483 33.10 2.97 -10.02
CA PRO A 483 34.14 3.14 -11.05
C PRO A 483 33.60 3.40 -12.46
N ILE A 484 32.56 2.66 -12.83
CA ILE A 484 32.00 2.70 -14.18
C ILE A 484 31.25 3.99 -14.49
N SER A 485 30.49 4.50 -13.51
CA SER A 485 29.66 5.67 -13.71
C SER A 485 30.45 6.97 -13.99
N PHE A 486 29.90 7.77 -14.90
CA PHE A 486 30.44 9.10 -15.22
C PHE A 486 29.36 10.13 -14.95
N LEU A 487 29.69 11.22 -14.26
CA LEU A 487 28.64 12.14 -13.81
C LEU A 487 27.80 11.57 -12.66
N VAL A 488 26.82 12.34 -12.21
CA VAL A 488 26.02 11.95 -11.03
C VAL A 488 24.59 12.50 -11.02
N ASN A 489 23.64 11.60 -10.78
CA ASN A 489 22.24 11.95 -10.54
C ASN A 489 21.47 10.94 -9.70
N GLY A 490 20.83 11.40 -8.63
CA GLY A 490 20.09 10.52 -7.75
C GLY A 490 18.60 10.46 -8.10
N GLU A 491 18.10 9.25 -8.27
CA GLU A 491 16.69 9.06 -8.62
C GLU A 491 15.89 8.54 -7.42
N LYS A 492 14.62 8.27 -7.67
CA LYS A 492 13.67 7.99 -6.61
C LYS A 492 12.99 6.68 -6.93
N LEU A 493 13.76 5.62 -6.73
CA LEU A 493 13.28 4.28 -6.94
C LEU A 493 13.19 3.60 -5.60
N LEU A 494 11.98 3.14 -5.27
CA LEU A 494 11.71 2.58 -3.96
C LEU A 494 11.01 1.24 -4.08
N SER A 495 11.75 0.24 -4.55
CA SER A 495 11.28 -1.12 -4.51
C SER A 495 12.14 -1.79 -3.46
N ALA A 496 11.49 -2.33 -2.44
CA ALA A 496 12.24 -2.91 -1.32
C ALA A 496 12.10 -4.41 -1.31
N ASP A 497 13.23 -5.10 -1.31
CA ASP A 497 13.23 -6.56 -1.29
C ASP A 497 13.32 -7.10 0.13
N ARG A 498 12.40 -8.00 0.47
CA ARG A 498 12.37 -8.59 1.80
C ARG A 498 13.63 -9.39 2.07
CA ALA A 499 10.26 -12.91 -0.21
CA GLY A 500 8.17 -15.59 1.49
CA TYR A 501 5.59 -18.32 0.86
CA ASP A 502 4.50 -21.84 1.82
CA VAL A 503 1.46 -24.12 2.08
CA LEU A 504 0.12 -27.65 1.59
CA VAL A 505 -2.65 -30.09 2.50
CA GLU A 506 -4.82 -33.00 1.34
CA GLU A 507 -8.55 -33.29 0.69
CA LEU A 508 -10.94 -35.93 -0.66
CA THR A 509 -14.71 -35.62 -0.57
CA LEU A 510 -16.25 -36.76 -3.81
CA ALA A 511 -18.67 -34.82 -6.01
CA ASN A 512 -19.01 -34.92 -9.80
CA ILE A 513 -20.31 -32.36 -12.30
CA ARG A 514 -21.50 -32.49 -15.93
CA ILE A 515 -20.51 -30.43 -19.01
N GLU A 516 -19.31 -30.03 -21.05
CA GLU A 516 -18.28 -30.29 -22.03
C GLU A 516 -16.89 -30.25 -21.40
N HIS A 517 -15.86 -30.47 -22.22
CA HIS A 517 -14.49 -30.46 -21.74
C HIS A 517 -13.73 -29.13 -21.84
N HIS A 518 -12.96 -28.84 -20.80
CA HIS A 518 -12.03 -27.71 -20.77
C HIS A 518 -10.75 -28.19 -20.09
N LYS A 519 -9.62 -27.58 -20.41
CA LYS A 519 -8.34 -28.03 -19.81
C LYS A 519 -7.35 -28.55 -20.85
N MET A 520 -7.24 -27.74 -21.92
CA MET A 520 -6.47 -28.01 -23.11
C MET A 520 -7.32 -27.86 -24.38
N PRO A 521 -8.19 -26.84 -24.46
CA PRO A 521 -8.91 -26.65 -25.74
C PRO A 521 -7.97 -26.14 -26.84
N THR A 522 -8.25 -26.50 -28.08
CA THR A 522 -7.49 -26.02 -29.24
C THR A 522 -8.27 -24.95 -30.01
N GLY A 523 -7.64 -23.81 -30.27
CA GLY A 523 -8.32 -22.72 -30.96
C GLY A 523 -7.86 -22.56 -32.40
N ALA A 524 -8.81 -22.63 -33.33
CA ALA A 524 -8.51 -22.55 -34.75
C ALA A 524 -8.70 -21.12 -35.26
N PHE A 525 -7.68 -20.30 -35.07
CA PHE A 525 -7.73 -18.90 -35.47
C PHE A 525 -7.72 -18.81 -36.98
N THR A 526 -8.54 -17.90 -37.52
CA THR A 526 -8.54 -17.65 -38.94
C THR A 526 -8.15 -16.20 -39.20
N THR A 527 -7.14 -16.00 -40.05
CA THR A 527 -6.75 -14.65 -40.42
C THR A 527 -7.19 -14.35 -41.84
N ARG A 528 -7.75 -13.17 -42.05
CA ARG A 528 -8.16 -12.73 -43.38
C ARG A 528 -7.81 -11.26 -43.58
N TRP A 529 -7.14 -10.98 -44.69
CA TRP A 529 -6.68 -9.62 -45.03
C TRP A 529 -7.20 -9.18 -46.40
N VAL A 530 -7.48 -10.15 -47.27
CA VAL A 530 -8.17 -9.92 -48.54
C VAL A 530 -9.30 -10.95 -48.60
N ALA A 531 -9.91 -11.15 -49.77
CA ALA A 531 -10.96 -12.16 -49.93
C ALA A 531 -10.51 -13.55 -49.50
N ALA A 532 -9.26 -13.89 -49.83
CA ALA A 532 -8.67 -15.18 -49.45
C ALA A 532 -8.40 -15.25 -47.94
N LYS A 533 -8.27 -16.48 -47.43
CA LYS A 533 -8.14 -16.71 -45.98
C LYS A 533 -7.19 -17.88 -45.65
N ARG A 534 -6.45 -17.72 -44.55
CA ARG A 534 -5.65 -18.80 -43.98
C ARG A 534 -6.24 -19.13 -42.60
N ASP A 535 -6.23 -20.41 -42.24
CA ASP A 535 -6.70 -20.86 -40.93
C ASP A 535 -5.78 -21.93 -40.33
N SER A 536 -5.52 -21.83 -39.03
CA SER A 536 -4.65 -22.77 -38.31
C SER A 536 -5.14 -22.98 -36.89
N ALA A 537 -4.66 -24.04 -36.25
CA ALA A 537 -5.08 -24.41 -34.90
C ALA A 537 -3.91 -24.30 -33.91
N LEU A 538 -4.24 -23.93 -32.67
CA LEU A 538 -3.26 -23.81 -31.59
C LEU A 538 -3.86 -24.27 -30.26
N ARG A 539 -3.00 -24.41 -29.25
CA ARG A 539 -3.42 -24.89 -27.93
C ARG A 539 -2.79 -24.05 -26.82
N LEU A 540 -3.52 -23.91 -25.70
CA LEU A 540 -3.05 -23.15 -24.54
C LEU A 540 -3.51 -23.84 -23.25
N THR A 541 -2.62 -23.93 -22.26
CA THR A 541 -2.92 -24.63 -21.01
C THR A 541 -2.87 -23.68 -19.81
N PRO A 542 -3.93 -23.69 -18.97
CA PRO A 542 -3.97 -22.88 -17.74
C PRO A 542 -2.83 -23.17 -16.76
N ARG A 543 -2.54 -24.45 -16.53
CA ARG A 543 -1.54 -24.87 -15.54
C ARG A 543 -0.12 -24.69 -16.06
N SER A 544 0.62 -23.75 -15.47
CA SER A 544 2.01 -23.48 -15.85
C SER A 544 2.94 -23.55 -14.64
N ARG A 545 2.80 -22.59 -13.74
CA ARG A 545 3.73 -22.39 -12.64
C ARG A 545 2.97 -22.30 -11.33
N THR A 546 3.68 -22.46 -10.22
CA THR A 546 3.07 -22.68 -8.91
C THR A 546 3.46 -21.68 -7.82
N ALA A 547 2.66 -21.67 -6.75
CA ALA A 547 2.86 -20.77 -5.61
C ALA A 547 2.63 -19.27 -5.90
N HIS A 548 3.59 -18.42 -5.54
CA HIS A 548 3.45 -16.96 -5.57
C HIS A 548 2.29 -16.42 -4.70
N ARG A 549 1.43 -15.60 -5.28
CA ARG A 549 0.30 -14.97 -4.57
C ARG A 549 0.66 -13.61 -3.92
N VAL A 550 -0.31 -13.00 -3.25
CA VAL A 550 -0.18 -11.62 -2.78
C VAL A 550 -0.35 -11.40 -1.27
N ASP A 551 0.56 -10.61 -0.71
CA ASP A 551 0.51 -10.15 0.68
C ASP A 551 -0.14 -8.77 0.75
N MET A 552 -1.37 -8.70 1.26
CA MET A 552 -2.14 -7.46 1.26
C MET A 552 -1.46 -6.39 2.12
N VAL A 553 -1.44 -5.16 1.62
CA VAL A 553 -0.74 -4.05 2.26
C VAL A 553 -1.59 -3.49 3.42
N ARG A 554 -0.91 -2.94 4.43
CA ARG A 554 -1.58 -2.45 5.63
C ARG A 554 -1.93 -0.97 5.48
N GLU A 555 -3.12 -0.60 5.96
CA GLU A 555 -3.61 0.77 5.85
C GLU A 555 -4.47 1.15 7.06
N CYS A 556 -4.49 2.45 7.37
CA CYS A 556 -5.27 2.98 8.49
C CYS A 556 -6.75 3.16 8.13
N ASP A 557 -7.56 3.47 9.13
CA ASP A 557 -8.99 3.73 8.95
C ASP A 557 -9.35 5.11 9.51
N PHE A 558 -10.34 5.76 8.90
CA PHE A 558 -10.73 7.13 9.29
C PHE A 558 -12.24 7.36 9.14
N ASN A 559 -12.72 8.53 9.57
CA ASN A 559 -14.15 8.73 9.84
C ASN A 559 -14.73 10.09 9.44
N PRO A 560 -16.07 10.24 9.57
CA PRO A 560 -16.66 11.58 9.53
C PRO A 560 -16.21 12.41 10.73
N THR A 561 -15.75 13.63 10.49
CA THR A 561 -15.01 14.40 11.51
C THR A 561 -15.88 15.35 12.33
N MET A 562 -16.24 14.91 13.54
CA MET A 562 -16.89 15.76 14.54
C MET A 562 -16.85 15.07 15.91
N ASN A 563 -16.90 15.86 16.98
CA ASN A 563 -16.77 15.34 18.35
C ASN A 563 -17.97 14.50 18.83
N LEU A 564 -19.17 15.01 18.63
CA LEU A 564 -20.39 14.41 19.19
C LEU A 564 -20.72 13.03 18.61
N LYS A 565 -21.48 12.25 19.37
CA LYS A 565 -21.91 10.92 18.96
C LYS A 565 -23.20 11.00 18.14
N ALA A 566 -23.35 10.08 17.19
CA ALA A 566 -24.55 10.02 16.34
C ALA A 566 -25.69 9.36 17.09
N ALA A 567 -26.92 9.80 16.80
CA ALA A 567 -28.12 9.32 17.49
C ALA A 567 -28.51 7.91 17.05
N GLY A 568 -28.41 7.64 15.75
CA GLY A 568 -28.75 6.33 15.19
C GLY A 568 -27.93 5.20 15.78
N PRO A 569 -26.60 5.24 15.60
CA PRO A 569 -25.67 4.22 16.12
C PRO A 569 -25.81 3.91 17.61
N LYS A 570 -26.17 4.91 18.42
CA LYS A 570 -26.37 4.70 19.86
C LYS A 570 -27.73 4.07 20.13
N ALA A 571 -28.77 4.65 19.53
CA ALA A 571 -30.14 4.17 19.69
C ALA A 571 -30.32 2.76 19.13
N ARG A 572 -29.56 2.44 18.07
CA ARG A 572 -29.64 1.14 17.43
C ARG A 572 -28.79 0.07 18.17
N LEU A 573 -27.74 0.53 18.86
CA LEU A 573 -26.94 -0.35 19.72
C LEU A 573 -27.76 -0.84 20.92
N ARG A 574 -28.71 -0.02 21.36
CA ARG A 574 -29.58 -0.36 22.49
C ARG A 574 -30.62 -1.43 22.11
N GLY A 575 -30.95 -1.53 20.82
CA GLY A 575 -31.97 -2.45 20.35
C GLY A 575 -31.63 -3.93 20.48
N SER A 576 -30.33 -4.26 20.49
CA SER A 576 -29.88 -5.64 20.54
C SER A 576 -29.71 -6.15 21.97
N GLY A 577 -28.97 -5.40 22.79
CA GLY A 577 -28.67 -5.81 24.17
C GLY A 577 -29.58 -5.14 25.20
N VAL A 578 -29.48 -5.62 26.45
CA VAL A 578 -30.30 -5.11 27.55
C VAL A 578 -29.47 -4.81 28.81
N LYS A 579 -28.21 -4.45 28.62
CA LYS A 579 -27.32 -4.16 29.75
C LYS A 579 -27.60 -2.78 30.33
N SER A 580 -27.47 -2.66 31.65
CA SER A 580 -27.71 -1.39 32.34
C SER A 580 -26.57 -0.41 32.06
N ARG A 581 -25.36 -0.81 32.44
CA ARG A 581 -24.14 -0.10 32.06
C ARG A 581 -23.44 -0.91 30.97
N ARG A 582 -22.44 -0.30 30.35
CA ARG A 582 -21.87 -0.84 29.12
C ARG A 582 -20.83 -1.92 29.43
N ARG A 583 -21.14 -3.17 29.05
CA ARG A 583 -20.17 -4.26 29.17
C ARG A 583 -19.01 -3.94 28.23
N VAL A 584 -17.81 -4.38 28.60
CA VAL A 584 -16.55 -3.97 27.95
C VAL A 584 -16.00 -2.68 28.58
N SER A 585 -16.90 -1.82 29.07
CA SER A 585 -16.55 -0.50 29.60
C SER A 585 -15.86 0.37 28.54
N GLU A 586 -16.57 0.62 27.45
CA GLU A 586 -16.11 1.50 26.39
C GLU A 586 -17.28 2.16 25.65
N VAL A 587 -17.26 3.49 25.58
CA VAL A 587 -18.25 4.26 24.82
C VAL A 587 -17.78 4.66 23.41
N PRO A 588 -16.59 5.29 23.28
CA PRO A 588 -16.19 5.76 21.94
C PRO A 588 -15.88 4.63 20.94
N LEU A 589 -15.14 3.62 21.38
CA LEU A 589 -14.76 2.50 20.51
C LEU A 589 -15.96 1.69 19.99
N ALA A 590 -17.07 1.72 20.73
CA ALA A 590 -18.32 1.11 20.28
C ALA A 590 -18.93 1.89 19.11
N HIS A 591 -18.76 3.21 19.14
CA HIS A 591 -19.28 4.09 18.09
C HIS A 591 -18.34 4.25 16.90
N VAL A 592 -17.04 4.13 17.15
CA VAL A 592 -16.02 4.27 16.11
C VAL A 592 -16.20 3.19 15.03
N PHE A 593 -15.83 1.95 15.34
CA PHE A 593 -15.85 0.87 14.33
C PHE A 593 -17.09 0.83 13.43
N ARG A 594 -18.21 1.40 13.91
CA ARG A 594 -19.44 1.45 13.11
C ARG A 594 -19.47 2.66 12.16
N SER A 595 -19.14 3.85 12.67
CA SER A 595 -19.27 5.08 11.89
C SER A 595 -18.11 5.32 10.89
N PRO A 596 -16.85 5.42 11.38
CA PRO A 596 -15.72 5.53 10.46
C PRO A 596 -15.72 4.66 9.18
N PRO A 597 -15.61 3.33 9.31
CA PRO A 597 -15.41 2.56 8.08
C PRO A 597 -16.75 2.17 7.46
N ARG A 598 -17.16 2.92 6.44
CA ARG A 598 -18.40 2.63 5.70
C ARG A 598 -18.38 1.29 4.93
N ARG A 599 -17.26 1.03 4.25
CA ARG A 599 -16.99 -0.28 3.64
C ARG A 599 -15.63 -0.30 2.93
N GLU A 600 -14.98 -1.46 2.93
CA GLU A 600 -13.78 -1.70 2.12
C GLU A 600 -13.72 -3.17 1.70
N SER A 601 -14.57 -3.53 0.74
CA SER A 601 -14.77 -4.92 0.35
C SER A 601 -13.85 -5.28 -0.82
N THR A 602 -12.68 -5.83 -0.49
CA THR A 602 -11.64 -6.08 -1.51
C THR A 602 -10.86 -7.40 -1.33
N THR A 603 -10.48 -7.75 -0.10
CA THR A 603 -9.78 -9.03 0.13
C THR A 603 -10.70 -10.11 0.72
N THR A 604 -11.78 -9.68 1.38
CA THR A 604 -12.84 -10.59 1.78
C THR A 604 -13.65 -11.00 0.55
N THR A 605 -13.63 -10.14 -0.48
CA THR A 605 -14.41 -10.34 -1.69
C THR A 605 -13.67 -11.16 -2.74
N ASP A 606 -12.48 -10.70 -3.13
CA ASP A 606 -11.75 -11.23 -4.29
C ASP A 606 -11.75 -12.77 -4.43
N ASP A 607 -11.77 -13.48 -3.31
CA ASP A 607 -11.85 -14.94 -3.33
C ASP A 607 -13.19 -15.46 -3.89
N SER A 608 -14.25 -14.66 -3.77
CA SER A 608 -15.57 -15.05 -4.29
C SER A 608 -15.60 -15.18 -5.81
N PRO A 609 -15.28 -14.11 -6.56
CA PRO A 609 -15.21 -14.28 -8.01
C PRO A 609 -14.08 -15.20 -8.46
N ARG A 610 -13.05 -15.33 -7.62
CA ARG A 610 -11.95 -16.28 -7.85
C ARG A 610 -12.38 -17.75 -7.79
N TRP A 611 -13.19 -18.09 -6.80
CA TRP A 611 -13.81 -19.43 -6.71
C TRP A 611 -14.90 -19.63 -7.76
N LEU A 612 -15.57 -18.55 -8.14
CA LEU A 612 -16.60 -18.61 -9.19
C LEU A 612 -15.97 -18.85 -10.57
N THR A 613 -14.77 -18.31 -10.79
CA THR A 613 -13.99 -18.60 -12.00
C THR A 613 -13.06 -19.82 -11.79
N ARG A 614 -12.92 -20.26 -10.54
CA ARG A 614 -12.24 -21.51 -10.21
C ARG A 614 -13.22 -22.67 -10.41
N GLU A 615 -14.47 -22.43 -10.06
CA GLU A 615 -15.56 -23.39 -10.30
C GLU A 615 -15.71 -23.72 -11.80
N GLY A 616 -15.44 -22.73 -12.65
CA GLY A 616 -15.60 -22.88 -14.11
C GLY A 616 -14.92 -24.10 -14.70
N PRO A 617 -13.57 -24.18 -14.61
CA PRO A 617 -12.84 -25.34 -15.11
C PRO A 617 -13.07 -26.63 -14.31
N GLN A 618 -13.72 -26.52 -13.15
CA GLN A 618 -14.00 -27.68 -12.31
C GLN A 618 -15.38 -28.27 -12.54
N LEU A 619 -16.40 -27.42 -12.71
CA LEU A 619 -17.73 -27.89 -13.05
C LEU A 619 -17.68 -28.61 -14.39
N THR A 620 -16.92 -28.05 -15.34
CA THR A 620 -16.74 -28.64 -16.66
C THR A 620 -16.51 -30.15 -16.58
N ARG A 621 -15.57 -30.55 -15.72
CA ARG A 621 -15.37 -31.97 -15.38
C ARG A 621 -14.86 -32.08 -13.94
N ARG A 622 -15.74 -32.46 -13.02
CA ARG A 622 -15.39 -32.58 -11.60
C ARG A 622 -15.19 -34.03 -11.19
N VAL A 623 -14.00 -34.55 -11.46
CA VAL A 623 -13.63 -35.91 -11.02
C VAL A 623 -13.11 -35.91 -9.57
N PRO A 624 -12.22 -34.96 -9.21
CA PRO A 624 -11.77 -34.87 -7.82
C PRO A 624 -12.27 -33.61 -7.10
N ILE A 625 -12.08 -33.58 -5.78
CA ILE A 625 -12.33 -32.38 -4.98
C ILE A 625 -11.67 -32.54 -3.60
N ILE A 626 -10.97 -31.50 -3.15
CA ILE A 626 -10.26 -31.53 -1.86
C ILE A 626 -10.61 -30.29 -1.04
N ASP A 627 -10.72 -30.46 0.27
CA ASP A 627 -11.09 -29.37 1.18
C ASP A 627 -10.18 -29.32 2.42
N GLU A 628 -9.26 -28.36 2.42
CA GLU A 628 -8.26 -28.18 3.49
C GLU A 628 -8.83 -28.31 4.92
N PRO A 629 -7.97 -28.72 5.89
CA PRO A 629 -8.49 -29.10 7.21
C PRO A 629 -9.24 -27.99 7.97
N PRO A 630 -8.72 -26.75 7.98
CA PRO A 630 -9.51 -25.68 8.59
C PRO A 630 -10.78 -25.34 7.78
N ALA A 631 -11.84 -26.09 8.04
CA ALA A 631 -13.18 -25.73 7.59
C ALA A 631 -13.94 -25.10 8.75
N TYR A 632 -13.18 -24.58 9.73
CA TYR A 632 -13.75 -24.00 10.93
C TYR A 632 -14.25 -22.59 10.66
N GLU A 633 -15.44 -22.30 11.18
CA GLU A 633 -16.02 -20.98 11.09
C GLU A 633 -15.92 -20.33 12.46
N SER A 634 -15.48 -19.08 12.51
CA SER A 634 -15.42 -18.34 13.77
C SER A 634 -16.84 -17.93 14.20
N GLY A 635 -17.68 -18.94 14.42
CA GLY A 635 -19.09 -18.75 14.70
C GLY A 635 -19.41 -19.08 16.15
N ARG A 636 -19.61 -18.04 16.95
CA ARG A 636 -19.86 -18.20 18.39
C ARG A 636 -21.36 -18.24 18.65
N SER A 637 -21.81 -19.25 19.40
CA SER A 637 -23.22 -19.46 19.68
C SER A 637 -23.58 -18.97 21.09
N SER A 638 -24.70 -18.26 21.18
CA SER A 638 -25.25 -17.78 22.46
C SER A 638 -24.26 -16.93 23.28
N SER A 639 -24.11 -15.66 22.89
CA SER A 639 -23.31 -14.70 23.64
C SER A 639 -24.11 -13.40 23.77
N PRO A 640 -24.41 -12.97 25.01
CA PRO A 640 -25.29 -11.81 25.19
C PRO A 640 -24.68 -10.47 24.77
N VAL A 641 -23.58 -10.07 25.40
CA VAL A 641 -23.01 -8.73 25.20
C VAL A 641 -21.51 -8.78 24.87
N THR A 642 -21.02 -9.92 24.40
CA THR A 642 -19.63 -10.06 24.01
C THR A 642 -19.37 -9.33 22.68
N SER A 643 -20.42 -9.20 21.86
CA SER A 643 -20.32 -8.53 20.57
C SER A 643 -19.68 -7.14 20.65
N SER A 644 -19.87 -6.45 21.77
CA SER A 644 -19.24 -5.16 22.01
C SER A 644 -17.73 -5.29 22.25
N ILE A 645 -17.36 -6.18 23.18
CA ILE A 645 -15.94 -6.45 23.47
C ILE A 645 -15.27 -7.22 22.32
N SER A 646 -16.07 -8.01 21.61
CA SER A 646 -15.57 -8.83 20.50
C SER A 646 -15.19 -8.03 19.26
N GLU A 647 -15.42 -6.72 19.28
CA GLU A 647 -14.96 -5.83 18.20
C GLU A 647 -13.44 -5.62 18.22
N GLY A 648 -12.74 -6.28 19.14
CA GLY A 648 -11.28 -6.38 19.09
C GLY A 648 -10.84 -7.09 17.81
N THR A 649 -11.63 -8.07 17.37
CA THR A 649 -11.45 -8.68 16.06
C THR A 649 -11.88 -7.70 14.97
N SER A 650 -11.42 -7.97 13.75
CA SER A 650 -11.63 -7.04 12.62
C SER A 650 -13.09 -6.67 12.39
N GLN A 651 -13.93 -7.69 12.17
CA GLN A 651 -15.34 -7.46 11.82
C GLN A 651 -16.31 -8.37 12.57
N HIS A 652 -17.59 -8.05 12.45
CA HIS A 652 -18.66 -8.78 13.12
C HIS A 652 -19.94 -8.71 12.28
N GLU A 653 -20.37 -9.87 11.77
CA GLU A 653 -21.56 -9.95 10.92
C GLU A 653 -22.68 -10.73 11.60
N GLU A 654 -23.91 -10.25 11.43
CA GLU A 654 -25.08 -10.88 12.05
C GLU A 654 -25.66 -11.96 11.14
N GLU A 655 -26.21 -13.01 11.75
CA GLU A 655 -26.87 -14.10 11.04
C GLU A 655 -28.38 -13.99 11.23
N MET A 656 -29.14 -14.61 10.33
CA MET A 656 -30.61 -14.61 10.36
C MET A 656 -31.16 -13.22 9.96
N GLY A 657 -30.50 -12.61 8.98
CA GLY A 657 -30.93 -11.31 8.45
C GLY A 657 -30.32 -11.09 7.08
N LEU A 658 -31.02 -11.55 6.03
CA LEU A 658 -30.48 -11.63 4.68
C LEU A 658 -29.23 -12.52 4.68
N PHE A 659 -29.28 -13.59 5.47
CA PHE A 659 -28.19 -14.55 5.59
C PHE A 659 -28.74 -15.97 5.70
N ASP A 660 -28.71 -16.70 4.59
CA ASP A 660 -29.16 -18.08 4.55
C ASP A 660 -28.03 -19.02 4.98
N ALA A 661 -28.35 -20.31 5.06
CA ALA A 661 -27.35 -21.35 5.31
C ALA A 661 -26.39 -21.53 4.14
N GLU A 662 -26.80 -21.04 2.96
CA GLU A 662 -25.98 -21.10 1.75
C GLU A 662 -25.08 -19.87 1.59
N GLU A 663 -25.54 -18.72 2.09
CA GLU A 663 -24.81 -17.46 1.94
C GLU A 663 -23.64 -17.31 2.94
N LEU A 664 -23.81 -17.86 4.14
CA LEU A 664 -22.80 -17.71 5.20
C LEU A 664 -21.48 -18.43 4.91
N PRO A 665 -21.52 -19.70 4.48
CA PRO A 665 -20.30 -20.44 4.18
C PRO A 665 -19.33 -19.76 3.21
N MET A 666 -19.85 -18.95 2.29
CA MET A 666 -19.00 -18.16 1.39
C MET A 666 -18.17 -17.13 2.17
N GLN A 667 -18.80 -16.53 3.18
CA GLN A 667 -18.10 -15.60 4.08
C GLN A 667 -17.11 -16.35 4.99
N GLN A 668 -17.33 -17.65 5.15
CA GLN A 668 -16.51 -18.48 6.02
C GLN A 668 -15.43 -19.26 5.28
N THR A 669 -15.66 -19.58 4.01
CA THR A 669 -14.64 -20.24 3.19
C THR A 669 -13.44 -19.33 2.97
N VAL A 670 -13.73 -18.03 2.88
CA VAL A 670 -12.72 -16.99 2.64
C VAL A 670 -11.71 -16.88 3.79
N ILE A 671 -12.19 -17.05 5.01
CA ILE A 671 -11.32 -16.92 6.17
C ILE A 671 -10.22 -17.96 6.07
N ALA A 672 -10.59 -19.14 5.60
CA ALA A 672 -9.63 -20.21 5.33
C ALA A 672 -8.77 -19.83 4.13
N THR A 673 -7.56 -20.38 4.06
CA THR A 673 -6.61 -20.00 3.02
C THR A 673 -7.13 -20.35 1.63
N GLU A 674 -6.87 -19.45 0.69
CA GLU A 674 -7.35 -19.59 -0.69
C GLU A 674 -6.64 -20.72 -1.44
N ALA A 675 -7.33 -21.28 -2.42
CA ALA A 675 -6.80 -22.35 -3.26
C ALA A 675 -6.95 -23.72 -2.60
N ARG A 676 -6.34 -24.73 -3.22
CA ARG A 676 -6.44 -26.11 -2.74
C ARG A 676 -7.89 -26.57 -2.73
N ARG A 677 -8.66 -26.13 -3.73
CA ARG A 677 -10.05 -26.52 -3.87
C ARG A 677 -10.46 -26.88 -5.30
N ARG A 678 -11.13 -28.02 -5.46
CA ARG A 678 -11.66 -28.45 -6.75
C ARG A 678 -10.62 -28.97 -7.72
N LEU A 679 -9.63 -28.14 -8.04
CA LEU A 679 -8.59 -28.53 -9.01
C LEU A 679 -7.20 -28.36 -8.37
N GLY A 680 -6.42 -29.43 -8.34
CA GLY A 680 -5.10 -29.41 -7.70
C GLY A 680 -4.16 -28.35 -8.24
N ARG A 681 -4.12 -28.21 -9.56
CA ARG A 681 -3.26 -27.23 -10.23
C ARG A 681 -4.06 -26.33 -11.17
N GLY A 682 -3.39 -25.36 -11.79
CA GLY A 682 -4.02 -24.49 -12.78
C GLY A 682 -4.17 -23.06 -12.30
N THR A 683 -5.38 -22.74 -11.84
CA THR A 683 -5.70 -21.41 -11.33
C THR A 683 -5.56 -21.36 -9.81
N LEU A 684 -4.40 -21.80 -9.31
CA LEU A 684 -4.15 -21.86 -7.89
C LEU A 684 -2.96 -20.98 -7.49
N GLU A 685 -3.09 -20.35 -6.33
CA GLU A 685 -2.11 -19.40 -5.81
C GLU A 685 -2.47 -19.15 -4.35
N ARG A 686 -1.83 -18.16 -3.71
CA ARG A 686 -2.07 -17.93 -2.28
C ARG A 686 -2.34 -16.46 -1.91
N ILE A 687 -3.26 -16.27 -0.96
CA ILE A 687 -3.60 -14.95 -0.44
C ILE A 687 -3.80 -15.00 1.08
N GLN A 688 -3.20 -14.05 1.78
CA GLN A 688 -3.43 -13.87 3.21
C GLN A 688 -4.76 -13.14 3.38
N GLU A 689 -5.61 -13.64 4.27
CA GLU A 689 -6.99 -13.17 4.38
C GLU A 689 -7.32 -12.73 5.81
N ALA A 690 -8.36 -11.90 5.93
CA ALA A 690 -8.81 -11.34 7.21
C ALA A 690 -9.38 -12.38 8.19
N ALA A 691 -10.01 -11.90 9.26
CA ALA A 691 -10.61 -12.77 10.27
C ALA A 691 -12.07 -12.38 10.52
N LEU A 692 -12.98 -13.01 9.78
CA LEU A 692 -14.40 -12.74 9.92
C LEU A 692 -14.99 -13.62 11.02
N GLU A 693 -16.00 -13.10 11.72
CA GLU A 693 -16.66 -13.84 12.80
C GLU A 693 -18.17 -13.63 12.76
N GLY A 694 -18.90 -14.67 12.36
CA GLY A 694 -20.37 -14.66 12.41
C GLY A 694 -20.85 -14.80 13.84
N GLN A 695 -22.01 -14.24 14.14
CA GLN A 695 -22.55 -14.25 15.50
C GLN A 695 -24.07 -14.10 15.55
N VAL A 696 -24.69 -14.95 16.35
CA VAL A 696 -26.12 -14.88 16.65
C VAL A 696 -26.41 -15.84 17.80
N ALA A 697 -27.44 -15.56 18.58
CA ALA A 697 -27.78 -16.38 19.74
C ALA A 697 -28.19 -17.81 19.41
N GLN A 698 -28.80 -18.00 18.24
CA GLN A 698 -29.44 -19.28 17.88
C GLN A 698 -28.94 -19.94 16.60
N GLY A 699 -28.82 -19.17 15.53
CA GLY A 699 -28.57 -19.72 14.18
C GLY A 699 -27.14 -20.11 13.86
N GLU A 700 -26.99 -21.19 13.08
CA GLU A 700 -25.69 -21.62 12.52
C GLU A 700 -25.90 -22.79 11.56
N VAL A 701 -25.28 -22.72 10.38
CA VAL A 701 -25.30 -23.81 9.40
C VAL A 701 -23.99 -23.86 8.62
N THR A 702 -23.59 -25.06 8.19
CA THR A 702 -22.37 -25.26 7.41
C THR A 702 -22.68 -25.86 6.04
N ALA A 703 -21.81 -25.57 5.07
CA ALA A 703 -21.95 -26.08 3.70
C ALA A 703 -20.65 -25.91 2.92
N GLU A 704 -20.49 -26.71 1.86
CA GLU A 704 -19.28 -26.68 1.03
C GLU A 704 -19.58 -26.74 -0.46
N LYS A 705 -20.34 -27.76 -0.88
CA LYS A 705 -20.66 -27.99 -2.29
C LYS A 705 -21.63 -26.93 -2.83
N ASN A 706 -21.30 -26.38 -4.00
CA ASN A 706 -22.14 -25.38 -4.66
C ASN A 706 -22.82 -25.94 -5.90
N ARG A 707 -23.88 -25.26 -6.35
CA ARG A 707 -24.59 -25.62 -7.58
C ARG A 707 -24.28 -24.61 -8.68
N ARG A 708 -24.32 -25.07 -9.93
CA ARG A 708 -24.01 -24.22 -11.09
C ARG A 708 -25.23 -23.37 -11.48
N ILE A 709 -24.96 -22.16 -11.96
CA ILE A 709 -25.99 -21.15 -12.28
C ILE A 709 -26.64 -20.59 -11.00
N GLU A 710 -26.08 -20.96 -9.84
CA GLU A 710 -26.57 -20.49 -8.55
C GLU A 710 -25.45 -20.04 -7.59
N ALA A 711 -24.20 -20.40 -7.92
CA ALA A 711 -23.04 -19.96 -7.13
C ALA A 711 -22.82 -18.46 -7.26
N MET A 712 -22.98 -17.95 -8.49
CA MET A 712 -22.84 -16.51 -8.76
C MET A 712 -23.97 -15.70 -8.13
N LEU A 713 -25.18 -16.23 -8.19
CA LEU A 713 -26.35 -15.57 -7.58
C LEU A 713 -26.23 -15.56 -6.06
N SER A 714 -25.80 -16.67 -5.48
CA SER A 714 -25.60 -16.78 -4.04
C SER A 714 -24.34 -16.04 -3.56
N ALA A 715 -23.43 -15.73 -4.49
CA ALA A 715 -22.24 -14.94 -4.19
C ALA A 715 -22.49 -13.43 -4.26
N ARG A 716 -23.50 -13.07 -5.06
CA ARG A 716 -24.06 -11.72 -5.13
C ARG A 716 -24.79 -11.31 -3.86
N ASP A 717 -25.52 -12.26 -3.27
CA ASP A 717 -26.48 -11.96 -2.23
C ASP A 717 -25.85 -11.30 -1.00
N PRO A 718 -24.69 -11.78 -0.60
CA PRO A 718 -23.95 -11.13 0.50
C PRO A 718 -23.43 -9.73 0.14
N GLN A 719 -23.48 -9.37 -1.15
CA GLN A 719 -23.14 -8.03 -1.61
C GLN A 719 -24.41 -7.17 -1.67
N PHE A 720 -25.51 -7.80 -2.10
CA PHE A 720 -26.83 -7.18 -2.17
C PHE A 720 -27.11 -6.30 -0.94
N THR A 721 -27.10 -6.91 0.24
CA THR A 721 -27.06 -6.17 1.50
C THR A 721 -25.59 -5.95 1.85
N GLY A 722 -25.31 -4.82 2.49
CA GLY A 722 -23.96 -4.25 2.46
C GLY A 722 -23.89 -3.47 1.17
N ARG A 723 -22.71 -3.02 0.78
CA ARG A 723 -22.60 -2.17 -0.41
C ARG A 723 -21.65 -2.69 -1.49
N GLU A 724 -21.90 -2.25 -2.72
CA GLU A 724 -21.28 -2.80 -3.91
C GLU A 724 -19.85 -2.30 -4.11
N GLN A 725 -18.91 -2.98 -3.47
CA GLN A 725 -17.47 -2.75 -3.68
C GLN A 725 -16.78 -3.99 -4.24
N ILE A 726 -17.55 -5.02 -4.60
CA ILE A 726 -17.01 -6.28 -5.09
C ILE A 726 -16.80 -6.26 -6.60
N THR A 727 -17.41 -5.28 -7.28
CA THR A 727 -17.22 -5.10 -8.73
C THR A 727 -15.76 -4.74 -9.07
N LYS A 728 -15.07 -4.09 -8.13
CA LYS A 728 -13.68 -3.68 -8.32
C LYS A 728 -12.76 -4.89 -8.45
N MET A 729 -12.90 -5.87 -7.55
CA MET A 729 -12.09 -7.09 -7.62
C MET A 729 -12.59 -8.07 -8.68
N LEU A 730 -13.84 -7.89 -9.13
CA LEU A 730 -14.37 -8.66 -10.24
C LEU A 730 -13.80 -8.13 -11.57
N SER A 731 -13.41 -6.86 -11.58
CA SER A 731 -12.83 -6.23 -12.77
C SER A 731 -11.31 -6.20 -12.71
N ASP A 732 -10.75 -5.69 -11.62
CA ASP A 732 -9.31 -5.55 -11.47
C ASP A 732 -8.63 -6.90 -11.24
N GLY A 733 -8.99 -7.57 -10.14
CA GLY A 733 -8.41 -8.86 -9.80
C GLY A 733 -9.09 -10.05 -10.47
N GLY A 734 -10.30 -9.83 -10.96
CA GLY A 734 -11.09 -10.89 -11.60
C GLY A 734 -10.72 -11.15 -13.04
N LEU A 735 -10.46 -10.08 -13.78
CA LEU A 735 -10.10 -10.18 -15.20
C LEU A 735 -8.63 -10.62 -15.37
N GLY A 736 -8.10 -10.49 -16.59
CA GLY A 736 -6.80 -11.07 -16.95
C GLY A 736 -5.57 -10.47 -16.29
N VAL A 737 -5.54 -10.50 -14.97
CA VAL A 737 -4.33 -10.23 -14.19
C VAL A 737 -3.83 -11.52 -13.52
N ARG A 738 -4.70 -12.51 -13.42
CA ARG A 738 -4.37 -13.80 -12.82
C ARG A 738 -3.43 -14.61 -13.71
N GLU A 739 -3.89 -14.89 -14.93
CA GLU A 739 -3.09 -15.64 -15.90
C GLU A 739 -1.91 -14.81 -16.41
N ARG A 740 -2.04 -13.48 -16.35
CA ARG A 740 -0.94 -12.57 -16.67
C ARG A 740 0.18 -12.71 -15.65
N GLU A 741 -0.20 -12.75 -14.37
CA GLU A 741 0.74 -12.98 -13.27
C GLU A 741 1.24 -14.44 -13.28
N GLU A 742 0.40 -15.35 -13.76
CA GLU A 742 0.79 -16.76 -13.93
C GLU A 742 1.90 -16.89 -14.97
N TRP A 743 1.80 -16.10 -16.05
CA TRP A 743 2.82 -16.07 -17.10
C TRP A 743 4.03 -15.24 -16.66
N LEU A 744 3.82 -14.32 -15.72
CA LEU A 744 4.89 -13.52 -15.12
C LEU A 744 5.77 -14.37 -14.19
N GLU A 745 5.28 -15.53 -13.79
CA GLU A 745 5.97 -16.44 -12.88
C GLU A 745 7.27 -17.02 -13.48
N LEU A 746 7.39 -17.00 -14.81
CA LEU A 746 8.56 -17.52 -15.52
C LEU A 746 9.87 -16.93 -15.01
N VAL A 747 9.91 -15.61 -14.83
CA VAL A 747 11.13 -14.90 -14.41
C VAL A 747 11.25 -14.81 -12.89
N ASP A 748 10.38 -14.00 -12.27
CA ASP A 748 10.40 -13.78 -10.82
C ASP A 748 9.09 -14.21 -10.20
N LYS A 749 9.03 -14.22 -8.86
CA LYS A 749 7.85 -14.72 -8.15
C LYS A 749 7.71 -14.18 -6.73
N THR A 750 6.47 -13.93 -6.32
CA THR A 750 6.07 -13.72 -4.92
C THR A 750 6.22 -12.27 -4.41
N VAL A 751 5.83 -11.31 -5.23
CA VAL A 751 5.78 -9.89 -4.81
C VAL A 751 4.69 -9.12 -5.58
N GLY A 752 3.48 -9.09 -5.01
CA GLY A 752 2.36 -8.36 -5.59
C GLY A 752 1.32 -8.01 -4.55
N VAL A 753 0.74 -6.81 -4.65
CA VAL A 753 -0.18 -6.32 -3.61
C VAL A 753 -0.91 -5.03 -3.98
N LYS A 754 -2.22 -4.99 -3.68
CA LYS A 754 -3.04 -3.77 -3.81
C LYS A 754 -4.44 -3.97 -3.22
N GLY A 755 -4.89 -3.01 -2.39
CA GLY A 755 -6.31 -2.89 -2.05
C GLY A 755 -6.77 -3.32 -0.67
N LEU A 756 -5.93 -3.15 0.34
CA LEU A 756 -6.34 -3.32 1.76
C LEU A 756 -6.84 -4.73 2.12
N LYS A 757 -7.37 -4.89 3.33
CA LYS A 757 -7.71 -6.21 3.88
C LYS A 757 -9.18 -6.36 4.29
N GLU A 758 -9.56 -5.78 5.42
CA GLU A 758 -10.83 -6.13 6.10
C GLU A 758 -11.97 -5.11 5.92
N VAL A 759 -13.17 -5.51 6.33
CA VAL A 759 -14.40 -4.71 6.19
C VAL A 759 -15.42 -5.09 7.27
N ARG A 760 -16.26 -4.13 7.69
CA ARG A 760 -17.35 -4.42 8.62
C ARG A 760 -18.56 -3.50 8.39
N SER A 761 -19.72 -3.89 8.92
CA SER A 761 -20.96 -3.13 8.74
C SER A 761 -22.14 -3.46 9.68
N ILE A 762 -22.12 -4.61 10.35
CA ILE A 762 -23.33 -5.16 10.97
C ILE A 762 -23.24 -5.35 12.49
N ASP A 763 -24.40 -5.32 13.15
CA ASP A 763 -24.54 -5.80 14.53
C ASP A 763 -26.00 -6.10 14.90
N GLY A 764 -26.73 -6.72 13.96
CA GLY A 764 -28.14 -7.07 14.16
C GLY A 764 -29.01 -6.84 12.93
N ILE A 765 -28.90 -5.65 12.37
CA ILE A 765 -29.81 -5.16 11.32
C ILE A 765 -29.09 -4.10 10.48
N ARG A 766 -29.52 -3.93 9.23
CA ARG A 766 -28.95 -2.94 8.31
C ARG A 766 -29.99 -1.87 7.99
N ARG A 767 -29.52 -0.69 7.60
CA ARG A 767 -30.40 0.47 7.36
C ARG A 767 -31.11 0.35 6.00
N HIS A 768 -30.35 -0.03 4.98
CA HIS A 768 -30.92 -0.49 3.70
C HIS A 768 -31.56 0.62 2.84
N LEU A 769 -31.08 1.87 2.99
CA LEU A 769 -31.67 3.00 2.26
C LEU A 769 -30.93 3.28 0.94
N GLU A 770 -30.61 2.23 0.19
CA GLU A 770 -29.78 2.38 -1.02
C GLU A 770 -29.84 1.14 -1.95
N GLU A 771 -28.82 0.99 -2.79
CA GLU A 771 -28.80 0.06 -3.95
C GLU A 771 -29.54 -1.28 -3.85
N TYR A 772 -30.20 -1.64 -4.94
CA TYR A 772 -30.69 -3.00 -5.19
C TYR A 772 -30.25 -3.43 -6.57
N GLY A 773 -30.33 -4.74 -6.85
CA GLY A 773 -30.06 -5.30 -8.16
C GLY A 773 -30.82 -6.59 -8.37
N GLU A 774 -32.10 -6.45 -8.73
CA GLU A 774 -33.01 -7.60 -8.83
C GLU A 774 -32.60 -8.57 -9.94
N ARG A 775 -32.33 -8.03 -11.13
CA ARG A 775 -31.88 -8.83 -12.27
C ARG A 775 -30.37 -8.69 -12.40
N GLU A 776 -29.65 -9.81 -12.33
CA GLU A 776 -28.19 -9.79 -12.43
C GLU A 776 -27.63 -11.00 -13.18
N GLY A 777 -27.02 -10.73 -14.33
CA GLY A 777 -26.33 -11.74 -15.13
C GLY A 777 -25.38 -11.07 -16.09
N PHE A 778 -24.15 -11.58 -16.13
CA PHE A 778 -23.09 -11.08 -16.98
C PHE A 778 -22.43 -12.26 -17.69
N ALA A 779 -21.71 -11.96 -18.77
CA ALA A 779 -21.11 -13.00 -19.61
C ALA A 779 -20.11 -13.86 -18.84
N VAL A 780 -19.36 -13.22 -17.94
CA VAL A 780 -18.31 -13.90 -17.20
C VAL A 780 -18.80 -15.07 -16.35
N VAL A 781 -19.97 -14.91 -15.72
CA VAL A 781 -20.50 -15.96 -14.85
C VAL A 781 -20.76 -17.24 -15.64
N ARG A 782 -21.30 -17.10 -16.84
CA ARG A 782 -21.47 -18.23 -17.76
C ARG A 782 -20.16 -18.95 -18.09
N THR A 783 -20.30 -20.15 -18.64
CA THR A 783 -19.16 -21.01 -18.96
C THR A 783 -18.46 -20.47 -20.20
N LEU A 784 -17.75 -19.36 -20.01
CA LEU A 784 -17.05 -18.68 -21.08
C LEU A 784 -15.92 -17.86 -20.45
N LEU A 785 -15.06 -18.56 -19.73
CA LEU A 785 -13.96 -17.94 -19.00
C LEU A 785 -12.79 -17.56 -19.91
N SER A 786 -12.85 -17.96 -21.18
CA SER A 786 -11.81 -17.66 -22.14
C SER A 786 -11.73 -16.17 -22.50
N GLY A 787 -12.81 -15.43 -22.24
CA GLY A 787 -12.78 -13.97 -22.33
C GLY A 787 -11.76 -13.37 -21.37
N ASN A 788 -11.39 -14.14 -20.34
CA ASN A 788 -10.39 -13.76 -19.36
C ASN A 788 -9.00 -14.31 -19.69
N SER A 789 -8.93 -15.55 -20.13
CA SER A 789 -7.65 -16.22 -20.41
C SER A 789 -7.00 -15.73 -21.70
N LYS A 790 -7.81 -15.57 -22.75
CA LYS A 790 -7.30 -15.06 -24.04
C LYS A 790 -7.02 -13.55 -24.01
N HIS A 791 -7.55 -12.87 -23.00
CA HIS A 791 -7.18 -11.48 -22.72
C HIS A 791 -5.71 -11.41 -22.29
N VAL A 792 -5.25 -12.41 -21.55
CA VAL A 792 -3.86 -12.48 -21.07
C VAL A 792 -2.88 -12.80 -22.19
N ARG A 793 -3.31 -13.62 -23.15
CA ARG A 793 -2.47 -13.92 -24.33
C ARG A 793 -2.21 -12.66 -25.14
N ARG A 794 -3.21 -11.76 -25.17
CA ARG A 794 -3.07 -10.45 -25.80
C ARG A 794 -2.04 -9.58 -25.07
N ILE A 795 -2.06 -9.64 -23.74
CA ILE A 795 -1.15 -8.85 -22.90
C ILE A 795 0.28 -9.38 -22.98
N ASN A 796 0.42 -10.69 -23.18
CA ASN A 796 1.73 -11.31 -23.40
C ASN A 796 2.43 -10.74 -24.64
N GLN A 797 1.65 -10.34 -25.64
CA GLN A 797 2.19 -9.69 -26.84
C GLN A 797 2.60 -8.24 -26.54
N LEU A 798 1.84 -7.56 -25.68
CA LEU A 798 2.14 -6.18 -25.29
C LEU A 798 3.40 -6.07 -24.43
N ILE A 799 3.66 -7.10 -23.62
CA ILE A 799 4.92 -7.20 -22.87
C ILE A 799 6.06 -7.53 -23.85
N ARG A 800 5.76 -8.33 -24.85
CA ARG A 800 6.70 -8.63 -25.94
C ARG A 800 6.92 -7.42 -26.85
N GLU A 801 5.94 -6.52 -26.91
CA GLU A 801 5.99 -5.35 -27.78
C GLU A 801 6.95 -4.25 -27.31
N SER A 802 7.40 -4.33 -26.06
CA SER A 802 8.42 -3.41 -25.54
C SER A 802 9.83 -3.81 -25.97
N ASN A 803 10.01 -5.09 -26.32
CA ASN A 803 11.32 -5.63 -26.70
C ASN A 803 11.93 -5.07 -28.00
N PRO A 804 11.14 -4.96 -29.09
CA PRO A 804 11.70 -4.48 -30.36
C PRO A 804 12.34 -3.09 -30.27
N SER A 805 11.69 -2.17 -29.56
CA SER A 805 12.24 -0.83 -29.34
C SER A 805 13.42 -0.88 -28.34
N ALA A 806 13.41 -1.88 -27.46
CA ALA A 806 14.48 -2.05 -26.47
C ALA A 806 15.79 -2.52 -27.10
N PHE A 807 15.90 -3.82 -27.39
CA PHE A 807 17.15 -4.40 -27.89
C PHE A 807 16.98 -5.82 -28.43
N GLU A 808 17.77 -6.15 -29.45
CA GLU A 808 17.79 -7.50 -30.04
C GLU A 808 19.05 -7.69 -30.88
N THR A 809 20.09 -8.25 -30.28
CA THR A 809 21.35 -8.59 -30.98
C THR A 809 22.13 -7.38 -31.53
N GLU A 810 21.51 -6.62 -32.44
CA GLU A 810 22.15 -5.42 -32.99
C GLU A 810 22.37 -4.37 -31.89
N ALA A 811 21.44 -4.32 -30.94
CA ALA A 811 21.68 -3.63 -29.67
C ALA A 811 22.34 -4.64 -28.75
N SER A 812 23.25 -4.19 -27.89
CA SER A 812 24.01 -5.09 -27.03
C SER A 812 23.12 -6.13 -26.34
N ARG A 813 23.60 -7.37 -26.29
CA ARG A 813 22.79 -8.50 -25.79
C ARG A 813 22.46 -8.33 -24.31
N MET A 814 21.44 -9.05 -23.85
CA MET A 814 21.07 -9.08 -22.43
C MET A 814 22.30 -9.22 -21.53
N ARG A 815 22.28 -8.50 -20.41
CA ARG A 815 23.38 -8.49 -19.44
C ARG A 815 24.62 -7.76 -19.98
N ARG A 816 24.41 -6.81 -20.90
CA ARG A 816 25.50 -5.97 -21.42
C ARG A 816 25.09 -4.50 -21.45
N LEU A 817 23.97 -4.19 -22.11
CA LEU A 817 23.48 -2.81 -22.19
C LEU A 817 22.87 -2.32 -20.87
N ARG A 818 21.87 -3.03 -20.37
CA ARG A 818 21.09 -2.60 -19.21
C ARG A 818 20.69 -1.11 -19.26
N ALA A 819 20.43 -0.60 -20.46
CA ALA A 819 20.05 0.80 -20.65
C ALA A 819 18.53 0.92 -20.78
N ASP A 820 17.80 0.21 -19.91
CA ASP A 820 16.35 0.28 -19.86
C ASP A 820 15.95 1.43 -18.94
N TRP A 821 14.65 1.74 -18.92
CA TRP A 821 14.14 2.83 -18.11
C TRP A 821 12.74 2.56 -17.57
N ASP A 822 12.51 1.32 -17.15
CA ASP A 822 11.20 0.89 -16.65
C ASP A 822 11.31 0.21 -15.28
N GLY A 823 10.16 0.10 -14.60
CA GLY A 823 10.08 -0.61 -13.33
C GLY A 823 10.71 0.10 -12.15
N ASP A 824 9.93 0.98 -11.52
CA ASP A 824 10.33 1.64 -10.27
C ASP A 824 9.19 1.71 -9.26
N ALA A 825 8.27 0.74 -9.35
CA ALA A 825 7.03 0.77 -8.58
C ALA A 825 6.27 2.08 -8.82
N GLY A 826 6.36 2.58 -10.05
CA GLY A 826 5.64 3.77 -10.49
C GLY A 826 5.02 3.52 -11.86
N SER A 827 3.86 4.10 -12.11
CA SER A 827 3.07 3.77 -13.30
C SER A 827 3.04 4.84 -14.39
N ALA A 828 2.96 6.11 -13.99
CA ALA A 828 2.69 7.19 -14.93
C ALA A 828 3.84 7.46 -15.94
N PRO A 829 4.93 8.12 -15.50
CA PRO A 829 5.98 8.48 -16.45
C PRO A 829 7.12 7.45 -16.45
N VAL A 830 6.80 6.20 -16.77
CA VAL A 830 7.77 5.09 -16.73
C VAL A 830 7.93 4.39 -18.09
N ASN A 831 6.89 4.42 -18.91
CA ASN A 831 6.90 3.99 -20.33
C ASN A 831 6.39 2.56 -20.58
N ALA A 832 6.92 1.60 -19.82
CA ALA A 832 6.63 0.18 -20.07
C ALA A 832 5.20 -0.16 -19.66
N LEU A 833 4.81 0.31 -18.48
CA LEU A 833 3.47 0.13 -17.96
C LEU A 833 2.48 1.13 -18.59
N HIS A 834 3.01 2.14 -19.28
CA HIS A 834 2.18 3.09 -20.01
C HIS A 834 1.54 2.42 -21.23
N PHE A 835 2.29 1.52 -21.88
CA PHE A 835 1.75 0.72 -22.98
C PHE A 835 0.73 -0.28 -22.45
N VAL A 836 0.98 -0.81 -21.26
CA VAL A 836 0.03 -1.69 -20.58
C VAL A 836 -1.21 -0.89 -20.14
N GLY A 837 -0.98 0.32 -19.64
CA GLY A 837 -2.07 1.20 -19.23
C GLY A 837 -2.70 2.00 -20.35
N ASN A 838 -2.29 1.74 -21.60
CA ASN A 838 -2.86 2.40 -22.76
C ASN A 838 -4.29 1.95 -23.04
N SER A 839 -4.58 0.68 -22.79
CA SER A 839 -5.93 0.14 -22.97
C SER A 839 -6.31 -0.99 -21.99
N PRO A 840 -5.53 -2.09 -21.94
CA PRO A 840 -5.93 -3.22 -21.07
C PRO A 840 -5.40 -3.16 -19.63
N GLY A 841 -6.29 -3.36 -18.66
CA GLY A 841 -5.91 -3.58 -17.26
C GLY A 841 -5.11 -2.45 -16.61
N TRP A 842 -5.60 -1.23 -16.76
CA TRP A 842 -4.91 -0.04 -16.24
C TRP A 842 -5.18 0.29 -14.77
N LYS A 843 -4.13 0.71 -14.07
CA LYS A 843 -4.22 1.65 -12.92
C LYS A 843 -4.33 1.08 -11.49
N ARG A 844 -4.50 -0.22 -11.31
CA ARG A 844 -4.68 -0.78 -9.96
C ARG A 844 -3.94 -2.11 -9.71
N TRP A 845 -2.62 -2.11 -9.89
CA TRP A 845 -1.80 -3.29 -9.57
C TRP A 845 -0.33 -2.93 -9.31
N LEU A 846 0.43 -3.91 -8.83
CA LEU A 846 1.85 -3.75 -8.52
C LEU A 846 2.71 -4.00 -9.75
N GLU A 847 2.64 -5.22 -10.28
CA GLU A 847 3.41 -5.66 -11.46
C GLU A 847 4.81 -5.00 -11.61
N ASN A 848 4.82 -3.75 -12.09
CA ASN A 848 6.03 -2.93 -12.28
C ASN A 848 7.39 -3.61 -12.11
N ASN A 849 7.71 -4.00 -10.88
CA ASN A 849 9.04 -4.52 -10.54
C ASN A 849 9.50 -5.75 -11.34
N ASN A 850 8.54 -6.58 -11.77
CA ASN A 850 8.86 -7.79 -12.52
C ASN A 850 9.02 -7.59 -14.03
N ILE A 851 8.62 -6.43 -14.54
CA ILE A 851 8.63 -6.16 -15.98
C ILE A 851 10.04 -6.01 -16.60
N PRO A 852 10.93 -5.23 -15.95
CA PRO A 852 12.30 -5.08 -16.47
C PRO A 852 13.00 -6.42 -16.74
N SER A 853 12.78 -7.40 -15.88
CA SER A 853 13.35 -8.74 -16.05
C SER A 853 12.62 -9.53 -17.15
N ASP A 854 11.31 -9.33 -17.27
CA ASP A 854 10.51 -10.01 -18.30
C ASP A 854 10.90 -9.61 -19.72
N ILE A 855 11.19 -8.31 -19.92
CA ILE A 855 11.62 -7.81 -21.22
C ILE A 855 12.98 -8.39 -21.62
N GLN A 856 13.86 -8.53 -20.65
CA GLN A 856 15.20 -9.09 -20.88
C GLN A 856 15.16 -10.59 -21.17
N VAL A 857 14.42 -11.33 -20.36
CA VAL A 857 14.31 -12.79 -20.53
C VAL A 857 13.55 -13.16 -21.81
N ALA A 858 12.59 -12.33 -22.20
CA ALA A 858 11.81 -12.54 -23.43
C ALA A 858 12.68 -12.47 -24.68
N GLY A 859 13.71 -11.62 -24.64
CA GLY A 859 14.68 -11.52 -25.74
C GLY A 859 15.49 -12.78 -25.95
N LYS A 860 15.74 -13.52 -24.87
CA LYS A 860 16.47 -14.79 -24.94
C LYS A 860 15.62 -15.89 -25.57
N LYS A 861 14.30 -15.84 -25.36
CA LYS A 861 13.37 -16.76 -26.02
C LYS A 861 13.14 -16.34 -27.48
N ARG A 862 13.00 -15.04 -27.73
CA ARG A 862 12.64 -14.53 -29.05
C ARG A 862 13.76 -14.72 -30.09
N MET A 863 15.01 -14.65 -29.66
CA MET A 863 16.14 -14.91 -30.56
C MET A 863 16.15 -16.37 -31.03
N CYS A 864 15.74 -17.27 -30.14
CA CYS A 864 15.49 -18.67 -30.50
C CYS A 864 14.10 -18.81 -31.13
N SER A 865 13.76 -20.02 -31.57
CA SER A 865 12.47 -20.27 -32.21
C SER A 865 11.36 -20.45 -31.17
N TYR A 866 10.95 -19.35 -30.53
CA TYR A 866 9.88 -19.37 -29.53
C TYR A 866 9.10 -18.06 -29.51
N LEU A 867 7.78 -18.15 -29.69
CA LEU A 867 6.88 -17.00 -29.54
C LEU A 867 5.46 -17.49 -29.24
N ALA A 868 4.51 -16.57 -29.13
CA ALA A 868 3.15 -16.89 -28.67
C ALA A 868 2.08 -16.82 -29.79
N GLU A 869 1.41 -15.69 -29.91
CA GLU A 869 0.25 -15.55 -30.82
C GLU A 869 0.15 -14.14 -31.42
N VAL A 870 -0.90 -13.90 -32.22
CA VAL A 870 -0.96 -12.72 -33.11
C VAL A 870 -2.20 -11.84 -32.95
N LEU A 871 -1.99 -10.52 -32.96
CA LEU A 871 -3.02 -9.51 -33.26
C LEU A 871 -4.15 -9.36 -32.25
N SER A 872 -4.23 -8.19 -31.62
CA SER A 872 -5.40 -7.80 -30.81
C SER A 872 -5.32 -6.34 -30.33
N HIS A 873 -6.10 -5.47 -30.96
CA HIS A 873 -6.25 -4.06 -30.54
C HIS A 873 -4.93 -3.36 -30.21
N GLY A 874 -3.94 -3.55 -31.07
CA GLY A 874 -2.61 -2.95 -30.88
C GLY A 874 -2.27 -1.98 -32.01
N ASN A 875 -1.53 -0.92 -31.67
CA ASN A 875 -1.13 0.07 -32.68
C ASN A 875 0.12 0.89 -32.27
N LEU A 876 1.28 0.25 -32.41
CA LEU A 876 2.58 0.92 -32.22
C LEU A 876 3.47 0.62 -33.42
N LYS A 877 4.37 1.55 -33.74
CA LYS A 877 5.30 1.37 -34.85
C LYS A 877 6.63 0.80 -34.33
N LEU A 878 7.54 0.50 -35.25
CA LEU A 878 8.78 -0.27 -34.99
C LEU A 878 8.50 -1.78 -34.91
N SER A 879 7.24 -2.16 -35.00
CA SER A 879 6.81 -3.55 -35.07
C SER A 879 5.37 -3.61 -35.55
N ASP A 880 5.08 -4.55 -36.44
CA ASP A 880 3.78 -4.59 -37.13
C ASP A 880 2.65 -5.16 -36.24
N ALA A 881 1.88 -4.26 -35.63
CA ALA A 881 0.66 -4.64 -34.90
C ALA A 881 -0.46 -4.84 -35.91
N THR A 882 -0.80 -3.75 -36.62
CA THR A 882 -1.63 -3.83 -37.82
C THR A 882 -0.66 -4.10 -38.98
N LYS A 883 -0.81 -3.42 -40.12
CA LYS A 883 0.07 -3.71 -41.26
C LYS A 883 0.37 -2.55 -42.22
N LEU A 884 1.54 -2.59 -42.86
CA LEU A 884 1.88 -1.62 -43.91
C LEU A 884 2.84 -2.16 -44.99
N GLY A 885 2.68 -1.64 -46.21
CA GLY A 885 3.63 -1.81 -47.30
C GLY A 885 3.42 -3.00 -48.23
N ARG A 886 3.83 -2.85 -49.50
CA ARG A 886 3.79 -3.96 -50.47
C ARG A 886 4.61 -3.74 -51.75
N LEU A 887 5.04 -4.83 -52.38
CA LEU A 887 6.04 -4.72 -53.43
C LEU A 887 6.09 -5.83 -54.47
N VAL A 888 6.77 -5.53 -55.58
CA VAL A 888 7.00 -6.49 -56.66
C VAL A 888 8.48 -6.45 -57.08
N GLU A 889 8.93 -7.56 -57.64
CA GLU A 889 10.36 -7.90 -57.80
C GLU A 889 11.18 -7.25 -58.91
N GLY A 890 12.50 -7.44 -58.81
CA GLY A 890 13.47 -7.07 -59.84
C GLY A 890 13.63 -5.63 -60.30
N THR A 891 13.62 -4.70 -59.36
CA THR A 891 13.78 -3.28 -59.69
C THR A 891 15.04 -2.71 -59.04
N SER A 892 15.83 -2.00 -59.82
CA SER A 892 17.09 -1.43 -59.29
C SER A 892 17.15 -1.53 -57.77
N LEU A 893 17.60 -2.68 -57.27
CA LEU A 893 17.60 -2.97 -55.84
C LEU A 893 18.71 -2.23 -55.09
N ASP A 894 18.29 -1.41 -54.13
CA ASP A 894 19.21 -0.73 -53.22
C ASP A 894 18.79 -1.00 -51.77
N LEU A 895 17.57 -0.60 -51.42
CA LEU A 895 17.06 -0.74 -50.05
C LEU A 895 15.58 -1.13 -49.90
N PHE A 896 14.84 -1.24 -51.01
CA PHE A 896 13.39 -1.53 -50.93
C PHE A 896 12.96 -3.00 -51.13
N PRO A 897 13.80 -3.85 -51.77
CA PRO A 897 13.46 -5.27 -51.77
C PRO A 897 13.59 -6.01 -50.43
N PRO A 898 14.48 -5.57 -49.52
CA PRO A 898 14.42 -6.17 -48.17
C PRO A 898 13.11 -5.86 -47.41
N GLN A 899 12.38 -4.84 -47.84
CA GLN A 899 11.06 -4.57 -47.29
C GLN A 899 10.04 -5.63 -47.70
N LEU A 900 10.27 -6.29 -48.83
CA LEU A 900 9.40 -7.36 -49.30
C LEU A 900 9.54 -8.62 -48.44
N SER A 901 10.73 -9.21 -48.46
CA SER A 901 10.98 -10.49 -47.78
C SER A 901 10.87 -10.40 -46.25
N SER A 902 11.18 -9.25 -45.69
CA SER A 902 10.99 -9.01 -44.25
C SER A 902 9.51 -8.99 -43.92
N GLU A 903 8.70 -8.39 -44.80
CA GLU A 903 7.25 -8.39 -44.65
C GLU A 903 6.66 -9.77 -44.97
N GLU A 904 7.21 -10.43 -45.99
CA GLU A 904 6.81 -11.81 -46.33
C GLU A 904 6.96 -12.75 -45.13
N PHE A 905 7.95 -12.48 -44.28
CA PHE A 905 8.17 -13.24 -43.06
C PHE A 905 7.06 -12.93 -42.03
N SER A 906 6.74 -11.65 -41.90
CA SER A 906 5.72 -11.20 -40.94
C SER A 906 4.29 -11.51 -41.39
N THR A 907 4.04 -11.41 -42.70
CA THR A 907 2.72 -11.70 -43.26
C THR A 907 2.37 -13.17 -43.07
N CYS A 908 3.35 -14.04 -43.29
CA CYS A 908 3.22 -15.47 -43.02
C CYS A 908 3.75 -15.79 -41.63
N SER A 909 3.14 -15.15 -40.62
CA SER A 909 3.49 -15.35 -39.22
C SER A 909 2.87 -16.63 -38.66
N GLU A 910 1.85 -17.14 -39.35
CA GLU A 910 1.03 -18.24 -38.85
C GLU A 910 1.74 -19.60 -38.96
N ALA A 911 2.80 -19.67 -39.77
CA ALA A 911 3.60 -20.88 -39.91
C ALA A 911 5.09 -20.62 -39.68
N THR A 912 5.41 -19.57 -38.90
CA THR A 912 6.80 -19.23 -38.56
C THR A 912 6.89 -18.78 -37.11
N LEU A 913 7.89 -19.29 -36.40
CA LEU A 913 8.09 -18.98 -34.98
C LEU A 913 8.91 -17.70 -34.75
N ALA A 914 9.65 -17.26 -35.77
CA ALA A 914 10.53 -16.10 -35.65
C ALA A 914 9.86 -14.82 -36.15
N TRP A 915 10.06 -13.73 -35.41
CA TRP A 915 9.55 -12.40 -35.77
C TRP A 915 10.69 -11.40 -35.64
N ARG A 916 10.92 -10.60 -36.69
CA ARG A 916 12.00 -9.61 -36.66
C ARG A 916 11.83 -8.52 -37.71
N ASN A 917 12.25 -7.30 -37.36
CA ASN A 917 12.19 -6.15 -38.27
C ASN A 917 13.23 -5.08 -37.91
N ALA A 918 13.14 -4.56 -36.68
CA ALA A 918 14.02 -3.49 -36.22
C ALA A 918 15.51 -3.88 -36.23
N PRO A 919 15.85 -5.03 -35.62
CA PRO A 919 17.24 -5.44 -35.57
C PRO A 919 17.66 -6.18 -36.84
N SER A 920 18.26 -5.46 -37.77
CA SER A 920 18.61 -6.00 -39.09
C SER A 920 20.06 -5.67 -39.48
N SER A 921 20.90 -6.70 -39.50
CA SER A 921 22.26 -6.59 -40.02
C SER A 921 22.20 -6.82 -41.53
N LEU A 922 22.82 -5.93 -42.30
CA LEU A 922 22.66 -5.89 -43.76
C LEU A 922 22.63 -7.24 -44.49
N GLY A 923 23.41 -8.21 -44.00
CA GLY A 923 23.31 -9.58 -44.48
C GLY A 923 22.02 -10.23 -44.00
N VAL A 924 20.90 -9.79 -44.56
CA VAL A 924 19.57 -10.14 -44.06
C VAL A 924 18.61 -10.54 -45.18
N ARG A 925 18.58 -11.84 -45.49
CA ARG A 925 17.57 -12.42 -46.37
C ARG A 925 17.20 -13.80 -45.83
N PRO A 926 16.55 -13.84 -44.65
CA PRO A 926 16.15 -15.12 -44.06
C PRO A 926 15.03 -15.79 -44.86
N PHE A 927 15.02 -17.12 -44.86
CA PHE A 927 14.14 -17.89 -45.75
C PHE A 927 12.65 -17.62 -45.55
N ALA A 928 11.94 -17.51 -46.67
CA ALA A 928 10.49 -17.58 -46.68
C ALA A 928 10.13 -19.05 -46.89
N GLN A 929 10.14 -19.81 -45.79
CA GLN A 929 10.06 -21.28 -45.85
C GLN A 929 8.87 -21.79 -46.64
N GLU A 930 7.66 -21.52 -46.14
CA GLU A 930 6.43 -21.89 -46.83
C GLU A 930 5.59 -20.63 -47.05
N ASP A 931 6.26 -19.53 -47.33
CA ASP A 931 5.64 -18.19 -47.35
C ASP A 931 5.47 -17.61 -48.76
N SER A 932 6.35 -17.99 -49.69
CA SER A 932 6.39 -17.40 -51.02
C SER A 932 5.12 -17.65 -51.86
N ARG A 933 4.53 -18.84 -51.71
CA ARG A 933 3.36 -19.23 -52.51
C ARG A 933 2.11 -18.41 -52.17
N TRP A 934 2.00 -17.99 -50.91
CA TRP A 934 0.79 -17.34 -50.41
C TRP A 934 0.73 -15.86 -50.76
N LEU A 935 1.89 -15.25 -51.04
CA LEU A 935 1.95 -13.89 -51.58
C LEU A 935 1.62 -13.88 -53.08
N VAL A 936 1.80 -15.01 -53.74
CA VAL A 936 1.51 -15.15 -55.17
C VAL A 936 0.00 -15.20 -55.42
N MET A 937 -0.71 -16.02 -54.62
CA MET A 937 -2.17 -16.03 -54.63
C MET A 937 -2.69 -14.67 -54.16
N ALA A 938 -1.92 -14.06 -53.26
CA ALA A 938 -2.26 -12.74 -52.70
C ALA A 938 -2.29 -11.66 -53.78
N ALA A 939 -1.36 -11.74 -54.72
CA ALA A 939 -1.25 -10.76 -55.78
C ALA A 939 -0.91 -9.35 -55.26
N THR A 940 -1.71 -8.34 -55.65
CA THR A 940 -1.38 -6.95 -55.35
C THR A 940 -1.33 -6.65 -53.86
N CYS A 941 -2.26 -7.22 -53.10
CA CYS A 941 -2.28 -7.01 -51.67
C CYS A 941 -1.84 -8.28 -50.94
N GLY A 942 -0.77 -8.15 -50.16
CA GLY A 942 -0.24 -9.28 -49.43
C GLY A 942 0.28 -8.86 -48.07
N GLY A 943 0.32 -9.80 -47.13
CA GLY A 943 0.87 -9.53 -45.81
C GLY A 943 0.20 -8.34 -45.16
N GLY A 944 -1.12 -8.27 -45.28
CA GLY A 944 -1.86 -7.16 -44.71
C GLY A 944 -3.04 -7.64 -43.89
N SER A 945 -2.75 -8.18 -42.71
CA SER A 945 -3.80 -8.65 -41.81
C SER A 945 -4.65 -7.48 -41.35
N PHE A 946 -5.95 -7.71 -41.25
CA PHE A 946 -6.89 -6.64 -40.89
C PHE A 946 -7.67 -7.03 -39.64
N GLY A 947 -8.14 -8.27 -39.59
CA GLY A 947 -8.85 -8.80 -38.43
C GLY A 947 -8.84 -10.32 -38.40
N ILE A 948 -8.65 -10.89 -37.21
CA ILE A 948 -8.54 -12.34 -37.04
C ILE A 948 -9.71 -12.90 -36.23
N GLY A 949 -10.54 -13.72 -36.88
CA GLY A 949 -11.66 -14.39 -36.21
C GLY A 949 -11.21 -15.72 -35.63
N LYS A 950 -11.84 -16.13 -34.53
CA LYS A 950 -11.48 -17.36 -33.83
C LYS A 950 -12.70 -18.24 -33.56
N LEU A 951 -12.49 -19.55 -33.46
CA LEU A 951 -13.58 -20.50 -33.26
C LEU A 951 -13.11 -21.79 -32.57
N LYS A 952 -14.06 -22.51 -31.99
CA LYS A 952 -13.78 -23.77 -31.29
C LYS A 952 -13.73 -24.92 -32.30
N SER A 953 -12.83 -25.87 -32.07
CA SER A 953 -12.69 -27.04 -32.95
C SER A 953 -13.82 -28.03 -32.70
N LEU A 954 -13.90 -28.53 -31.47
CA LEU A 954 -14.97 -29.42 -31.05
C LEU A 954 -16.21 -28.61 -30.65
N CYS A 955 -17.33 -29.29 -30.44
CA CYS A 955 -18.59 -28.64 -30.09
C CYS A 955 -19.08 -29.10 -28.72
N LYS A 956 -19.47 -28.15 -27.87
CA LYS A 956 -19.91 -28.47 -26.50
C LYS A 956 -20.29 -27.23 -25.69
N GLU A 957 -21.21 -27.43 -24.75
CA GLU A 957 -21.59 -26.41 -23.77
C GLU A 957 -22.08 -25.13 -24.44
N PHE A 958 -21.16 -24.19 -24.62
CA PHE A 958 -21.52 -22.87 -25.14
C PHE A 958 -20.90 -22.77 -26.53
N SER A 959 -21.67 -22.23 -27.47
CA SER A 959 -21.30 -22.26 -28.89
C SER A 959 -19.90 -21.71 -29.16
N VAL A 960 -19.60 -20.56 -28.57
CA VAL A 960 -18.29 -19.92 -28.66
C VAL A 960 -17.88 -19.55 -30.09
N PRO A 961 -18.70 -18.74 -30.78
CA PRO A 961 -18.22 -18.00 -31.96
C PRO A 961 -17.48 -16.76 -31.48
N LYS A 962 -16.16 -16.76 -31.68
CA LYS A 962 -15.29 -15.91 -30.87
C LYS A 962 -14.75 -14.66 -31.59
N GLU A 963 -15.48 -13.57 -31.41
CA GLU A 963 -14.97 -12.23 -31.73
C GLU A 963 -15.63 -11.19 -30.81
N LEU A 964 -15.81 -11.58 -29.55
CA LEU A 964 -16.32 -10.68 -28.51
C LEU A 964 -15.17 -9.93 -27.85
N ARG A 965 -13.93 -10.30 -28.20
CA ARG A 965 -12.73 -9.59 -27.75
C ARG A 965 -12.81 -8.07 -27.94
N ASP A 966 -13.58 -7.63 -28.94
CA ASP A 966 -13.84 -6.21 -29.17
C ASP A 966 -14.37 -5.51 -27.92
N ALA A 967 -15.22 -6.20 -27.15
CA ALA A 967 -15.75 -5.68 -25.89
C ALA A 967 -15.02 -6.26 -24.68
N LEU A 968 -13.72 -6.52 -24.82
CA LEU A 968 -12.89 -7.00 -23.71
C LEU A 968 -12.00 -5.86 -23.21
N ARG A 969 -11.47 -5.05 -24.13
CA ARG A 969 -10.76 -3.82 -23.76
C ARG A 969 -11.71 -2.85 -23.05
N VAL A 970 -12.97 -2.82 -23.51
CA VAL A 970 -14.06 -2.21 -22.76
C VAL A 970 -14.55 -3.29 -21.79
N LYS A 971 -13.85 -3.40 -20.66
CA LYS A 971 -13.98 -4.55 -19.77
C LYS A 971 -15.39 -4.73 -19.21
N TYR A 972 -16.02 -3.63 -18.82
CA TYR A 972 -17.37 -3.64 -18.26
C TYR A 972 -18.21 -2.50 -18.84
N GLY A 973 -18.65 -2.68 -20.09
CA GLY A 973 -19.43 -1.66 -20.79
C GLY A 973 -20.84 -1.55 -20.27
N LEU A 974 -21.59 -2.64 -20.38
CA LEU A 974 -22.99 -2.69 -19.95
C LEU A 974 -23.25 -3.63 -18.77
N PHE A 975 -22.29 -4.52 -18.49
CA PHE A 975 -22.47 -5.57 -17.49
C PHE A 975 -22.32 -5.08 -16.05
N GLY A 976 -21.50 -4.04 -15.84
CA GLY A 976 -21.29 -3.47 -14.52
C GLY A 976 -22.57 -2.93 -13.90
N GLY A 977 -23.30 -2.13 -14.69
CA GLY A 977 -24.58 -1.56 -14.26
C GLY A 977 -25.74 -2.20 -15.02
N LYS A 978 -26.40 -3.17 -14.38
CA LYS A 978 -27.47 -3.93 -15.03
C LYS A 978 -28.83 -3.28 -14.80
N ASP A 979 -29.23 -3.15 -13.54
CA ASP A 979 -30.53 -2.58 -13.18
C ASP A 979 -30.51 -2.07 -11.73
N SER A 980 -29.55 -1.19 -11.44
CA SER A 980 -29.39 -0.63 -10.10
C SER A 980 -30.01 0.77 -10.03
N LEU A 981 -30.95 0.94 -9.09
CA LEU A 981 -31.62 2.23 -8.91
C LEU A 981 -32.16 2.34 -7.49
N GLU A 982 -31.93 3.50 -6.86
CA GLU A 982 -32.39 3.74 -5.48
C GLU A 982 -33.86 4.12 -5.49
#